data_2BK5
#
_entry.id   2BK5
#
_cell.length_a   130.843
_cell.length_b   221.990
_cell.length_c   86.072
_cell.angle_alpha   90.00
_cell.angle_beta   90.00
_cell.angle_gamma   90.00
#
_symmetry.space_group_name_H-M   'C 2 2 2'
#
loop_
_entity.id
_entity.type
_entity.pdbx_description
1 polymer 'AMINE OXIDASE [FLAVIN-CONTAINING] B'
2 non-polymer 'FLAVIN-ADENINE DINUCLEOTIDE'
3 non-polymer ISATIN
4 water water
#
_entity_poly.entity_id   1
_entity_poly.type   'polypeptide(L)'
_entity_poly.pdbx_seq_one_letter_code
;MSNKCDVVVVGGGISGMAAAKLLHDSGLNVVVLEARDRVGGRTYTLRNQKVKYVDLGGSYVGPTQNRILRLAKELGLETY
KVNEVERLIHHVKGKSYPFRGPFPPVWNPITYLDHNNFWRTMDDMGREIPSDAPWKAPLAEEWDNMTMKELLDKLCWTES
AKQLATLFVNLCVTAETHEVSALWFLWYVKQCGGTTRIFSTTNGGQERKFVGGSGQVSERIMDLLGDRVKLERPVIYIDQ
TRENVLVETLNHEMYEAKYVISAIPPTLGMKIHFNPPLPMMRNQMITRVPLGSVIKCIVYYKEPFWRKKDYCGTMIIDGE
EAPVAYTLDDTKPEGNYAAIMGFILAHKARKLARLTKEERLKKLCELYAKVLGSLEALEPVHYEEKNWCEEQYSGGCYTT
YFPPGILTQYGRVLRQPVDRIYFAGTETATHWSGYMEGAVEAGERAAREILHAMGKIPEDEIWQSEPESVDVPAQPITTT
FLERHLPSVPGLLRLIGLTTIFSATALGFLAHKRGLLVRV
;
_entity_poly.pdbx_strand_id   A,B
#
loop_
_chem_comp.id
_chem_comp.type
_chem_comp.name
_chem_comp.formula
FAD non-polymer 'FLAVIN-ADENINE DINUCLEOTIDE' 'C27 H33 N9 O15 P2'
ISN non-polymer ISATIN 'C8 H5 N O2'
#
# COMPACT_ATOMS: atom_id res chain seq x y z
N ASN A 3 -29.07 15.40 -11.91
CA ASN A 3 -28.37 15.73 -13.19
C ASN A 3 -27.43 16.94 -13.08
N LYS A 4 -27.94 18.16 -13.30
CA LYS A 4 -27.07 19.35 -13.41
C LYS A 4 -26.92 20.14 -12.11
N CYS A 5 -25.68 20.47 -11.75
CA CYS A 5 -25.38 21.29 -10.57
C CYS A 5 -24.03 22.00 -10.71
N ASP A 6 -23.67 22.78 -9.68
CA ASP A 6 -22.41 23.49 -9.65
C ASP A 6 -21.26 22.59 -9.21
N VAL A 7 -21.48 21.86 -8.13
CA VAL A 7 -20.44 20.99 -7.56
C VAL A 7 -21.02 19.64 -7.14
N VAL A 8 -20.38 18.56 -7.59
CA VAL A 8 -20.69 17.22 -7.08
C VAL A 8 -19.67 16.91 -5.99
N VAL A 9 -20.17 16.53 -4.82
CA VAL A 9 -19.32 16.07 -3.73
C VAL A 9 -19.45 14.55 -3.67
N VAL A 10 -18.32 13.86 -3.82
CA VAL A 10 -18.28 12.41 -3.74
C VAL A 10 -17.96 12.01 -2.30
N GLY A 11 -18.94 11.43 -1.63
CA GLY A 11 -18.77 11.02 -0.24
C GLY A 11 -19.52 11.91 0.73
N GLY A 12 -20.36 11.29 1.55
CA GLY A 12 -21.15 11.99 2.55
C GLY A 12 -20.71 11.70 3.97
N GLY A 13 -19.40 11.60 4.18
CA GLY A 13 -18.85 11.62 5.53
C GLY A 13 -18.81 13.06 6.01
N ILE A 14 -18.22 13.28 7.18
CA ILE A 14 -18.11 14.63 7.73
C ILE A 14 -17.44 15.60 6.76
N SER A 15 -16.38 15.16 6.07
CA SER A 15 -15.66 16.04 5.17
C SER A 15 -16.51 16.48 3.98
N GLY A 16 -17.12 15.51 3.30
CA GLY A 16 -18.02 15.81 2.18
C GLY A 16 -19.20 16.67 2.62
N MET A 17 -19.77 16.34 3.77
CA MET A 17 -20.91 17.10 4.29
C MET A 17 -20.52 18.53 4.66
N ALA A 18 -19.36 18.71 5.31
CA ALA A 18 -18.87 20.05 5.63
C ALA A 18 -18.62 20.86 4.36
N ALA A 19 -18.04 20.22 3.34
CA ALA A 19 -17.79 20.87 2.05
C ALA A 19 -19.12 21.28 1.40
N ALA A 20 -20.06 20.35 1.34
CA ALA A 20 -21.36 20.60 0.73
C ALA A 20 -22.11 21.73 1.43
N LYS A 21 -22.04 21.75 2.76
CA LYS A 21 -22.72 22.77 3.54
C LYS A 21 -22.16 24.15 3.23
N LEU A 22 -20.83 24.26 3.21
CA LEU A 22 -20.17 25.54 2.92
C LEU A 22 -20.59 26.07 1.54
N LEU A 23 -20.50 25.20 0.54
CA LEU A 23 -20.89 25.55 -0.83
C LEU A 23 -22.36 25.95 -0.91
N HIS A 24 -23.23 25.16 -0.27
CA HIS A 24 -24.67 25.43 -0.22
C HIS A 24 -24.93 26.79 0.42
N ASP A 25 -24.28 27.02 1.56
CA ASP A 25 -24.42 28.29 2.29
C ASP A 25 -23.93 29.48 1.45
N SER A 26 -23.00 29.22 0.54
CA SER A 26 -22.46 30.28 -0.33
C SER A 26 -23.35 30.53 -1.56
N GLY A 27 -24.39 29.72 -1.74
CA GLY A 27 -25.37 29.93 -2.80
C GLY A 27 -25.21 29.04 -4.02
N LEU A 28 -24.31 28.05 -3.95
CA LEU A 28 -24.11 27.14 -5.08
C LEU A 28 -25.05 25.95 -4.98
N ASN A 29 -25.34 25.35 -6.13
CA ASN A 29 -26.12 24.13 -6.20
C ASN A 29 -25.21 22.93 -6.06
N VAL A 30 -25.35 22.21 -4.95
CA VAL A 30 -24.50 21.05 -4.68
C VAL A 30 -25.30 19.77 -4.65
N VAL A 31 -24.64 18.67 -4.98
CA VAL A 31 -25.19 17.34 -4.81
C VAL A 31 -24.13 16.51 -4.08
N VAL A 32 -24.57 15.69 -3.13
CA VAL A 32 -23.67 14.75 -2.44
C VAL A 32 -24.02 13.34 -2.89
N LEU A 33 -23.05 12.66 -3.48
CA LEU A 33 -23.24 11.29 -3.92
C LEU A 33 -22.60 10.37 -2.90
N GLU A 34 -23.43 9.63 -2.16
CA GLU A 34 -22.96 8.76 -1.09
C GLU A 34 -23.19 7.30 -1.42
N ALA A 35 -22.13 6.50 -1.35
CA ALA A 35 -22.19 5.07 -1.68
C ALA A 35 -23.14 4.28 -0.78
N ARG A 36 -23.17 4.61 0.51
CA ARG A 36 -23.93 3.82 1.48
C ARG A 36 -25.38 4.28 1.57
N ASP A 37 -26.20 3.49 2.27
CA ASP A 37 -27.58 3.85 2.58
C ASP A 37 -27.67 4.81 3.77
N ARG A 38 -26.54 5.40 4.15
CA ARG A 38 -26.45 6.33 5.27
C ARG A 38 -25.33 7.34 5.02
N VAL A 39 -25.39 8.48 5.70
CA VAL A 39 -24.26 9.41 5.76
C VAL A 39 -23.41 9.12 7.01
N GLY A 40 -22.24 9.75 7.08
CA GLY A 40 -21.39 9.66 8.29
C GLY A 40 -20.07 8.92 8.09
N GLY A 41 -20.05 7.98 7.13
CA GLY A 41 -18.84 7.25 6.77
C GLY A 41 -18.17 6.52 7.94
N ARG A 42 -17.00 7.02 8.31
CA ARG A 42 -16.24 6.42 9.40
C ARG A 42 -16.79 6.82 10.78
N THR A 43 -17.79 7.69 10.78
CA THR A 43 -18.63 7.87 11.96
C THR A 43 -19.93 7.12 11.74
N TYR A 44 -20.39 6.45 12.79
CA TYR A 44 -21.62 5.67 12.75
C TYR A 44 -22.14 5.55 14.17
N THR A 45 -23.31 6.14 14.40
CA THR A 45 -23.98 6.07 15.69
C THR A 45 -25.12 5.08 15.61
N LEU A 46 -24.98 3.94 16.29
CA LEU A 46 -26.04 2.95 16.38
C LEU A 46 -27.03 3.32 17.47
N ARG A 47 -28.32 3.25 17.15
CA ARG A 47 -29.35 3.46 18.17
C ARG A 47 -30.20 2.22 18.33
N ASN A 48 -30.33 1.78 19.58
CA ASN A 48 -31.27 0.76 19.96
C ASN A 48 -31.60 0.92 21.45
N GLN A 49 -32.51 0.09 21.90
CA GLN A 49 -33.03 0.12 23.25
C GLN A 49 -32.01 -0.11 24.34
N LYS A 50 -31.11 -1.05 24.07
CA LYS A 50 -30.17 -1.50 25.08
C LYS A 50 -29.06 -0.49 25.35
N VAL A 51 -28.70 0.27 24.31
CA VAL A 51 -27.57 1.20 24.40
C VAL A 51 -27.99 2.68 24.37
N LYS A 52 -29.25 2.91 23.99
CA LYS A 52 -29.77 4.23 23.62
C LYS A 52 -29.11 4.72 22.32
N TYR A 53 -27.82 5.09 22.42
CA TYR A 53 -27.00 5.39 21.25
C TYR A 53 -25.58 4.98 21.57
N VAL A 54 -24.81 4.62 20.54
CA VAL A 54 -23.38 4.32 20.72
C VAL A 54 -22.62 4.63 19.44
N ASP A 55 -21.49 5.31 19.59
CA ASP A 55 -20.60 5.55 18.45
C ASP A 55 -19.76 4.31 18.21
N LEU A 56 -19.97 3.70 17.05
CA LEU A 56 -19.20 2.53 16.63
C LEU A 56 -17.99 2.91 15.76
N GLY A 57 -18.00 4.15 15.27
CA GLY A 57 -16.84 4.73 14.59
C GLY A 57 -16.26 5.90 15.37
N GLY A 58 -15.83 6.94 14.66
CA GLY A 58 -15.27 8.13 15.28
C GLY A 58 -16.18 8.70 16.34
N SER A 59 -15.60 9.09 17.48
CA SER A 59 -16.40 9.49 18.64
C SER A 59 -15.86 10.71 19.40
N TYR A 60 -14.56 10.71 19.64
CA TYR A 60 -13.95 11.66 20.56
C TYR A 60 -13.57 12.97 19.90
N VAL A 61 -13.81 14.05 20.63
CA VAL A 61 -13.31 15.36 20.26
C VAL A 61 -12.62 15.97 21.49
N GLY A 62 -11.81 17.00 21.27
CA GLY A 62 -11.07 17.59 22.38
C GLY A 62 -10.52 18.98 22.08
N PRO A 63 -9.86 19.59 23.07
CA PRO A 63 -9.28 20.92 22.90
C PRO A 63 -8.36 20.99 21.70
N THR A 64 -8.39 22.14 21.04
CA THR A 64 -7.68 22.45 19.77
C THR A 64 -8.38 21.95 18.51
N GLN A 65 -9.41 21.14 18.66
CA GLN A 65 -10.22 20.69 17.52
C GLN A 65 -11.40 21.64 17.29
N ASN A 66 -11.08 22.88 16.95
CA ASN A 66 -12.07 23.94 16.98
C ASN A 66 -13.08 23.92 15.84
N ARG A 67 -12.70 23.34 14.70
CA ARG A 67 -13.59 23.30 13.54
C ARG A 67 -14.74 22.32 13.75
N ILE A 68 -14.45 21.11 14.20
CA ILE A 68 -15.52 20.13 14.48
C ILE A 68 -16.42 20.64 15.60
N LEU A 69 -15.82 21.26 16.62
CA LEU A 69 -16.60 21.81 17.72
C LEU A 69 -17.55 22.92 17.27
N ARG A 70 -17.07 23.79 16.38
CA ARG A 70 -17.87 24.89 15.85
C ARG A 70 -18.98 24.37 14.96
N LEU A 71 -18.63 23.45 14.07
CA LEU A 71 -19.64 22.84 13.18
C LEU A 71 -20.74 22.16 13.99
N ALA A 72 -20.34 21.32 14.95
CA ALA A 72 -21.29 20.59 15.77
C ALA A 72 -22.19 21.54 16.58
N LYS A 73 -21.59 22.60 17.13
CA LYS A 73 -22.34 23.59 17.90
C LYS A 73 -23.40 24.27 17.04
N GLU A 74 -23.02 24.65 15.82
CA GLU A 74 -23.94 25.29 14.88
C GLU A 74 -25.12 24.37 14.56
N LEU A 75 -24.87 23.05 14.52
CA LEU A 75 -25.90 22.06 14.24
C LEU A 75 -26.77 21.74 15.46
N GLY A 76 -26.48 22.38 16.59
CA GLY A 76 -27.25 22.20 17.82
C GLY A 76 -26.79 21.06 18.71
N LEU A 77 -25.55 20.61 18.52
CA LEU A 77 -25.02 19.50 19.32
C LEU A 77 -24.25 20.00 20.54
N GLU A 78 -24.16 19.14 21.56
CA GLU A 78 -23.44 19.45 22.79
C GLU A 78 -22.44 18.32 23.05
N THR A 79 -21.40 18.63 23.83
CA THR A 79 -20.43 17.60 24.23
C THR A 79 -20.56 17.29 25.72
N TYR A 80 -19.99 16.16 26.12
CA TYR A 80 -19.77 15.86 27.53
C TYR A 80 -18.39 15.24 27.70
N LYS A 81 -17.85 15.31 28.90
CA LYS A 81 -16.50 14.84 29.14
C LYS A 81 -16.49 13.34 29.41
N VAL A 82 -15.57 12.65 28.75
CA VAL A 82 -15.27 11.24 29.01
C VAL A 82 -14.80 11.12 30.46
N ASN A 83 -15.27 10.09 31.17
CA ASN A 83 -14.90 9.93 32.57
C ASN A 83 -13.40 9.71 32.79
N GLU A 84 -12.76 10.67 33.46
CA GLU A 84 -11.37 10.51 33.90
C GLU A 84 -11.19 11.00 35.33
N VAL A 85 -12.24 10.87 36.13
CA VAL A 85 -12.22 11.35 37.51
C VAL A 85 -11.30 10.46 38.35
N GLU A 86 -11.46 9.16 38.22
CA GLU A 86 -10.71 8.20 39.03
C GLU A 86 -9.40 7.78 38.34
N ARG A 87 -8.74 6.75 38.87
CA ARG A 87 -7.39 6.40 38.42
C ARG A 87 -7.40 5.63 37.10
N LEU A 88 -6.38 5.90 36.27
CA LEU A 88 -6.12 5.12 35.07
C LEU A 88 -5.38 3.87 35.49
N ILE A 89 -5.38 2.86 34.62
CA ILE A 89 -4.63 1.63 34.89
C ILE A 89 -3.63 1.35 33.76
N HIS A 90 -2.38 1.06 34.12
CA HIS A 90 -1.42 0.48 33.20
C HIS A 90 -1.24 -0.97 33.61
N HIS A 91 -1.57 -1.88 32.70
CA HIS A 91 -1.47 -3.30 32.97
C HIS A 91 -0.27 -3.84 32.21
N VAL A 92 0.71 -4.31 32.97
CA VAL A 92 2.00 -4.65 32.43
C VAL A 92 2.48 -5.96 33.08
N LYS A 93 2.90 -6.91 32.24
CA LYS A 93 3.34 -8.25 32.68
C LYS A 93 2.36 -8.90 33.66
N GLY A 94 1.08 -8.86 33.31
CA GLY A 94 0.04 -9.53 34.08
C GLY A 94 -0.38 -8.85 35.38
N LYS A 95 0.05 -7.60 35.58
CA LYS A 95 -0.24 -6.87 36.82
C LYS A 95 -0.73 -5.46 36.51
N SER A 96 -1.69 -4.96 37.29
CA SER A 96 -2.25 -3.62 37.10
C SER A 96 -1.62 -2.58 38.03
N TYR A 97 -1.27 -1.44 37.45
CA TYR A 97 -0.65 -0.34 38.18
C TYR A 97 -1.49 0.91 37.98
N PRO A 98 -2.29 1.28 38.99
CA PRO A 98 -3.11 2.49 38.91
C PRO A 98 -2.26 3.74 38.90
N PHE A 99 -2.72 4.77 38.20
CA PHE A 99 -1.98 6.03 38.11
C PHE A 99 -2.88 7.20 37.72
N ARG A 100 -2.29 8.40 37.79
CA ARG A 100 -2.96 9.61 37.35
C ARG A 100 -2.02 10.40 36.44
N GLY A 101 -2.59 11.25 35.60
CA GLY A 101 -1.81 11.99 34.58
C GLY A 101 -1.92 11.19 33.29
N PRO A 102 -1.47 11.78 32.15
CA PRO A 102 -1.65 11.14 30.85
C PRO A 102 -0.81 9.88 30.59
N PHE A 103 0.40 9.82 31.16
CA PHE A 103 1.32 8.72 30.90
C PHE A 103 1.62 7.91 32.18
N PRO A 104 1.68 6.57 32.07
CA PRO A 104 1.99 5.77 33.27
C PRO A 104 3.36 6.14 33.84
N PRO A 105 3.43 6.43 35.15
CA PRO A 105 4.70 6.78 35.79
C PRO A 105 5.68 5.61 35.82
N VAL A 106 6.96 5.94 35.79
CA VAL A 106 8.02 4.95 35.80
C VAL A 106 8.96 5.28 36.96
N TRP A 107 9.27 4.28 37.78
CA TRP A 107 10.08 4.50 38.99
C TRP A 107 11.56 4.22 38.82
N ASN A 108 11.90 3.17 38.08
CA ASN A 108 13.29 2.83 37.80
C ASN A 108 13.98 4.02 37.10
N PRO A 109 15.05 4.57 37.71
CA PRO A 109 15.75 5.72 37.14
C PRO A 109 16.21 5.54 35.69
N ILE A 110 16.75 4.37 35.33
CA ILE A 110 17.18 4.11 33.94
C ILE A 110 15.97 4.10 33.00
N THR A 111 14.95 3.33 33.39
CA THR A 111 13.71 3.23 32.62
C THR A 111 13.02 4.59 32.56
N TYR A 112 13.08 5.34 33.66
CA TYR A 112 12.50 6.67 33.68
C TYR A 112 13.17 7.58 32.64
N LEU A 113 14.50 7.55 32.58
CA LEU A 113 15.25 8.33 31.60
C LEU A 113 14.87 7.92 30.17
N ASP A 114 14.70 6.62 29.96
CA ASP A 114 14.37 6.08 28.65
C ASP A 114 12.98 6.54 28.20
N HIS A 115 11.99 6.41 29.07
CA HIS A 115 10.62 6.85 28.78
C HIS A 115 10.59 8.36 28.53
N ASN A 116 11.22 9.12 29.42
CA ASN A 116 11.24 10.56 29.27
C ASN A 116 11.84 10.98 27.93
N ASN A 117 12.96 10.35 27.56
CA ASN A 117 13.63 10.66 26.31
C ASN A 117 12.80 10.28 25.10
N PHE A 118 12.07 9.16 25.18
CA PHE A 118 11.27 8.72 24.04
C PHE A 118 10.22 9.75 23.63
N TRP A 119 9.37 10.15 24.57
CA TRP A 119 8.30 11.10 24.29
C TRP A 119 8.88 12.45 23.85
N ARG A 120 9.94 12.88 24.53
CA ARG A 120 10.62 14.13 24.24
C ARG A 120 11.16 14.12 22.82
N THR A 121 11.80 13.01 22.44
CA THR A 121 12.43 12.88 21.13
C THR A 121 11.39 12.84 20.02
N MET A 122 10.26 12.18 20.25
CA MET A 122 9.16 12.16 19.29
C MET A 122 8.74 13.59 18.98
N ASP A 123 8.57 14.39 20.02
CA ASP A 123 8.17 15.78 19.86
C ASP A 123 9.27 16.63 19.24
N ASP A 124 10.53 16.39 19.64
CA ASP A 124 11.69 17.12 19.07
C ASP A 124 11.75 16.92 17.55
N MET A 125 11.65 15.66 17.14
CA MET A 125 11.67 15.32 15.72
C MET A 125 10.48 15.94 15.01
N GLY A 126 9.32 15.93 15.64
CA GLY A 126 8.10 16.52 15.08
C GLY A 126 8.25 18.01 14.75
N ARG A 127 8.99 18.73 15.59
CA ARG A 127 9.20 20.17 15.38
C ARG A 127 9.97 20.49 14.10
N GLU A 128 10.68 19.50 13.56
CA GLU A 128 11.41 19.67 12.31
C GLU A 128 10.54 19.39 11.07
N ILE A 129 9.29 18.99 11.31
CA ILE A 129 8.39 18.54 10.24
C ILE A 129 7.27 19.54 9.99
N PRO A 130 7.29 20.22 8.83
CA PRO A 130 6.19 21.15 8.53
C PRO A 130 4.84 20.42 8.39
N SER A 131 3.82 20.93 9.08
CA SER A 131 2.48 20.30 9.07
C SER A 131 1.90 20.19 7.66
N ASP A 132 2.13 21.21 6.84
CA ASP A 132 1.54 21.27 5.52
C ASP A 132 2.44 20.70 4.42
N ALA A 133 3.62 20.23 4.82
CA ALA A 133 4.60 19.70 3.88
C ALA A 133 5.66 18.82 4.58
N PRO A 134 5.24 17.68 5.17
CA PRO A 134 6.19 16.85 5.90
C PRO A 134 7.42 16.39 5.09
N TRP A 135 7.26 16.26 3.76
CA TRP A 135 8.35 15.90 2.87
C TRP A 135 9.46 16.98 2.82
N LYS A 136 9.17 18.16 3.37
CA LYS A 136 10.15 19.24 3.45
C LYS A 136 11.00 19.22 4.73
N ALA A 137 10.76 18.25 5.61
CA ALA A 137 11.61 18.09 6.79
C ALA A 137 13.07 17.93 6.33
N PRO A 138 14.02 18.55 7.05
CA PRO A 138 15.44 18.45 6.67
C PRO A 138 15.91 17.00 6.45
N LEU A 139 15.48 16.08 7.31
CA LEU A 139 15.84 14.67 7.20
C LEU A 139 14.65 13.83 6.72
N ALA A 140 13.80 14.42 5.88
CA ALA A 140 12.59 13.75 5.40
C ALA A 140 12.90 12.36 4.83
N GLU A 141 13.88 12.29 3.94
CA GLU A 141 14.16 11.02 3.25
C GLU A 141 14.69 9.95 4.20
N GLU A 142 15.68 10.32 5.03
CA GLU A 142 16.19 9.45 6.09
C GLU A 142 15.06 8.89 6.98
N TRP A 143 14.17 9.78 7.42
CA TRP A 143 13.10 9.36 8.32
C TRP A 143 12.00 8.59 7.60
N ASP A 144 11.75 8.92 6.33
CA ASP A 144 10.72 8.22 5.55
C ASP A 144 11.16 6.82 5.12
N ASN A 145 12.47 6.60 5.06
CA ASN A 145 13.02 5.32 4.63
C ASN A 145 13.18 4.29 5.74
N MET A 146 12.72 4.64 6.94
CA MET A 146 12.70 3.69 8.05
C MET A 146 11.28 3.55 8.58
N THR A 147 10.99 2.38 9.17
CA THR A 147 9.70 2.15 9.80
C THR A 147 9.75 2.72 11.22
N MET A 148 8.59 2.85 11.85
CA MET A 148 8.56 3.20 13.26
C MET A 148 9.23 2.13 14.12
N LYS A 149 9.21 0.88 13.68
CA LYS A 149 9.89 -0.19 14.43
C LYS A 149 11.39 0.07 14.52
N GLU A 150 11.99 0.44 13.39
CA GLU A 150 13.42 0.75 13.34
C GLU A 150 13.76 1.93 14.23
N LEU A 151 12.89 2.94 14.20
CA LEU A 151 13.10 4.12 15.03
C LEU A 151 13.04 3.77 16.53
N LEU A 152 12.04 3.00 16.93
CA LEU A 152 11.91 2.56 18.31
C LEU A 152 13.10 1.70 18.74
N ASP A 153 13.53 0.80 17.86
CA ASP A 153 14.69 -0.05 18.11
C ASP A 153 15.94 0.79 18.39
N LYS A 154 16.09 1.91 17.68
CA LYS A 154 17.20 2.84 17.89
C LYS A 154 17.07 3.67 19.16
N LEU A 155 15.85 4.15 19.44
CA LEU A 155 15.64 5.12 20.52
C LEU A 155 15.44 4.53 21.90
N CYS A 156 14.79 3.37 21.99
CA CYS A 156 14.40 2.79 23.26
C CYS A 156 15.45 1.83 23.77
N TRP A 157 16.11 2.22 24.86
CA TRP A 157 17.14 1.39 25.48
C TRP A 157 16.56 0.42 26.52
N THR A 158 15.26 0.52 26.77
CA THR A 158 14.58 -0.45 27.65
C THR A 158 13.40 -1.08 26.92
N GLU A 159 13.13 -2.34 27.24
CA GLU A 159 11.94 -3.02 26.73
C GLU A 159 10.67 -2.31 27.19
N SER A 160 10.72 -1.79 28.42
CA SER A 160 9.59 -1.07 29.00
C SER A 160 9.14 0.10 28.11
N ALA A 161 10.10 0.92 27.70
CA ALA A 161 9.80 2.05 26.82
C ALA A 161 9.35 1.57 25.46
N LYS A 162 10.07 0.58 24.90
CA LYS A 162 9.72 0.04 23.59
C LYS A 162 8.29 -0.52 23.56
N GLN A 163 7.91 -1.25 24.62
CA GLN A 163 6.56 -1.83 24.72
C GLN A 163 5.47 -0.75 24.75
N LEU A 164 5.70 0.31 25.53
CA LEU A 164 4.72 1.39 25.63
C LEU A 164 4.65 2.19 24.33
N ALA A 165 5.83 2.45 23.76
CA ALA A 165 5.92 3.15 22.48
C ALA A 165 5.19 2.40 21.36
N THR A 166 5.33 1.07 21.38
CA THR A 166 4.66 0.21 20.39
C THR A 166 3.14 0.32 20.52
N LEU A 167 2.66 0.26 21.77
CA LEU A 167 1.23 0.40 22.04
C LEU A 167 0.76 1.77 21.56
N PHE A 168 1.53 2.82 21.87
CA PHE A 168 1.25 4.18 21.41
C PHE A 168 1.03 4.26 19.89
N VAL A 169 1.94 3.66 19.13
CA VAL A 169 1.80 3.64 17.68
C VAL A 169 0.53 2.87 17.27
N ASN A 170 0.40 1.65 17.77
CA ASN A 170 -0.76 0.80 17.47
C ASN A 170 -2.08 1.53 17.74
N LEU A 171 -2.14 2.24 18.87
CA LEU A 171 -3.36 2.97 19.27
C LEU A 171 -3.63 4.23 18.43
N CYS A 172 -2.57 4.98 18.12
CA CYS A 172 -2.72 6.23 17.38
C CYS A 172 -3.13 6.03 15.94
N VAL A 173 -2.58 4.99 15.29
CA VAL A 173 -2.76 4.82 13.84
C VAL A 173 -3.21 3.40 13.40
N THR A 174 -3.67 2.61 14.37
CA THR A 174 -4.20 1.25 14.14
C THR A 174 -3.36 0.41 13.15
N ALA A 175 -2.05 0.51 13.33
CA ALA A 175 -1.11 -0.20 12.47
C ALA A 175 0.10 -0.61 13.31
N GLU A 176 0.85 -1.57 12.81
CA GLU A 176 2.04 -2.06 13.49
C GLU A 176 3.18 -1.10 13.23
N THR A 177 4.14 -1.07 14.16
CA THR A 177 5.28 -0.18 14.06
C THR A 177 6.10 -0.46 12.79
N HIS A 178 6.17 -1.75 12.41
CA HIS A 178 6.90 -2.13 11.20
C HIS A 178 6.14 -1.81 9.89
N GLU A 179 4.85 -1.46 10.00
CA GLU A 179 4.04 -1.17 8.81
C GLU A 179 4.19 0.27 8.32
N VAL A 180 4.54 1.17 9.24
CA VAL A 180 4.41 2.61 8.98
C VAL A 180 5.76 3.33 8.89
N SER A 181 5.81 4.33 8.02
CA SER A 181 6.97 5.24 7.90
C SER A 181 7.16 6.01 9.20
N ALA A 182 8.43 6.16 9.64
CA ALA A 182 8.73 6.98 10.80
C ALA A 182 8.40 8.45 10.53
N LEU A 183 8.80 8.96 9.37
CA LEU A 183 8.46 10.34 8.98
C LEU A 183 6.96 10.59 9.04
N TRP A 184 6.18 9.71 8.41
CA TRP A 184 4.74 9.88 8.43
C TRP A 184 4.18 9.83 9.85
N PHE A 185 4.62 8.88 10.67
CA PHE A 185 4.09 8.81 12.03
C PHE A 185 4.48 10.04 12.88
N LEU A 186 5.72 10.48 12.76
CA LEU A 186 6.17 11.69 13.44
C LEU A 186 5.36 12.91 13.01
N TRP A 187 5.09 13.02 11.70
CA TRP A 187 4.21 14.07 11.20
C TRP A 187 2.82 13.94 11.81
N TYR A 188 2.29 12.72 11.80
CA TYR A 188 0.93 12.47 12.28
C TYR A 188 0.75 12.97 13.72
N VAL A 189 1.68 12.63 14.59
CA VAL A 189 1.62 13.06 15.99
C VAL A 189 1.78 14.57 16.11
N LYS A 190 2.75 15.13 15.39
CA LYS A 190 3.03 16.57 15.48
C LYS A 190 1.83 17.41 15.02
N GLN A 191 1.15 16.95 13.97
CA GLN A 191 0.01 17.70 13.42
C GLN A 191 -1.25 17.57 14.28
N CYS A 192 -1.21 16.70 15.29
CA CYS A 192 -2.22 16.67 16.34
C CYS A 192 -1.82 17.46 17.58
N GLY A 193 -0.66 18.11 17.54
CA GLY A 193 -0.22 18.93 18.67
C GLY A 193 0.80 18.25 19.57
N GLY A 194 1.24 17.04 19.18
CA GLY A 194 2.29 16.34 19.92
C GLY A 194 1.82 15.18 20.77
N THR A 195 2.78 14.53 21.42
CA THR A 195 2.53 13.27 22.15
C THR A 195 1.50 13.43 23.27
N THR A 196 1.66 14.47 24.10
CA THR A 196 0.71 14.69 25.19
C THR A 196 -0.71 14.96 24.69
N ARG A 197 -0.85 15.85 23.72
CA ARG A 197 -2.17 16.22 23.21
C ARG A 197 -2.87 15.00 22.58
N ILE A 198 -2.13 14.22 21.81
CA ILE A 198 -2.76 13.10 21.09
C ILE A 198 -3.15 11.97 22.04
N PHE A 199 -2.38 11.79 23.11
CA PHE A 199 -2.57 10.65 24.00
C PHE A 199 -3.49 10.94 25.17
N SER A 200 -3.76 12.23 25.43
CA SER A 200 -4.51 12.63 26.63
C SER A 200 -6.01 12.56 26.46
N THR A 201 -6.69 12.18 27.54
CA THR A 201 -8.13 12.31 27.65
C THR A 201 -8.38 13.75 28.14
N THR A 202 -8.25 14.01 29.44
CA THR A 202 -8.27 15.39 29.93
C THR A 202 -7.21 16.19 29.18
N ASN A 203 -7.63 17.33 28.62
CA ASN A 203 -6.78 18.23 27.80
C ASN A 203 -6.20 17.65 26.50
N GLY A 204 -6.81 16.59 26.00
CA GLY A 204 -6.35 15.97 24.77
C GLY A 204 -7.46 15.50 23.85
N GLY A 205 -7.06 14.74 22.82
CA GLY A 205 -7.99 14.28 21.79
C GLY A 205 -9.19 13.48 22.27
N GLN A 206 -9.07 12.83 23.43
CA GLN A 206 -10.14 11.96 23.91
C GLN A 206 -10.97 12.60 25.01
N GLU A 207 -10.93 13.92 25.11
CA GLU A 207 -11.58 14.59 26.24
C GLU A 207 -13.09 14.41 26.27
N ARG A 208 -13.73 14.45 25.11
CA ARG A 208 -15.17 14.59 25.01
C ARG A 208 -15.80 13.72 23.94
N LYS A 209 -17.11 13.51 24.08
CA LYS A 209 -17.94 12.91 23.05
C LYS A 209 -19.16 13.81 22.85
N PHE A 210 -19.84 13.62 21.72
CA PHE A 210 -21.09 14.33 21.47
C PHE A 210 -22.26 13.62 22.14
N VAL A 211 -23.09 14.41 22.82
CA VAL A 211 -24.33 13.89 23.37
C VAL A 211 -25.19 13.42 22.20
N GLY A 212 -25.58 12.14 22.21
CA GLY A 212 -26.41 11.60 21.15
C GLY A 212 -25.63 10.99 20.00
N GLY A 213 -24.31 11.17 19.99
CA GLY A 213 -23.43 10.52 18.99
C GLY A 213 -22.93 11.44 17.90
N SER A 214 -21.73 11.14 17.38
CA SER A 214 -21.11 11.97 16.36
C SER A 214 -21.77 11.84 14.99
N GLY A 215 -22.53 10.75 14.78
CA GLY A 215 -23.24 10.54 13.50
C GLY A 215 -24.23 11.67 13.20
N GLN A 216 -24.66 12.35 14.25
CA GLN A 216 -25.56 13.49 14.15
C GLN A 216 -24.99 14.64 13.34
N VAL A 217 -23.66 14.77 13.33
CA VAL A 217 -23.02 15.83 12.54
C VAL A 217 -23.39 15.67 11.06
N SER A 218 -23.13 14.49 10.51
CA SER A 218 -23.45 14.23 9.11
C SER A 218 -24.96 14.19 8.87
N GLU A 219 -25.69 13.61 9.81
CA GLU A 219 -27.16 13.50 9.70
C GLU A 219 -27.81 14.88 9.64
N ARG A 220 -27.40 15.77 10.54
CA ARG A 220 -28.02 17.10 10.59
C ARG A 220 -27.67 17.95 9.37
N ILE A 221 -26.48 17.77 8.82
CA ILE A 221 -26.15 18.44 7.56
C ILE A 221 -27.00 17.91 6.41
N MET A 222 -27.23 16.59 6.41
CA MET A 222 -28.12 15.98 5.41
C MET A 222 -29.52 16.58 5.51
N ASP A 223 -29.99 16.77 6.73
CA ASP A 223 -31.31 17.36 6.97
C ASP A 223 -31.36 18.76 6.34
N LEU A 224 -30.30 19.54 6.52
CA LEU A 224 -30.19 20.87 5.93
C LEU A 224 -30.17 20.86 4.40
N LEU A 225 -29.54 19.85 3.82
CA LEU A 225 -29.36 19.79 2.38
C LEU A 225 -30.56 19.17 1.65
N GLY A 226 -31.39 18.45 2.38
CA GLY A 226 -32.57 17.78 1.82
C GLY A 226 -32.22 16.74 0.78
N ASP A 227 -32.92 16.83 -0.36
CA ASP A 227 -32.77 15.82 -1.41
C ASP A 227 -31.49 15.99 -2.23
N ARG A 228 -30.65 16.95 -1.86
CA ARG A 228 -29.34 17.11 -2.50
C ARG A 228 -28.38 15.97 -2.15
N VAL A 229 -28.63 15.29 -1.04
CA VAL A 229 -27.88 14.10 -0.68
C VAL A 229 -28.51 12.86 -1.31
N LYS A 230 -27.74 12.16 -2.13
CA LYS A 230 -28.19 10.96 -2.83
C LYS A 230 -27.52 9.73 -2.22
N LEU A 231 -28.30 8.94 -1.48
CA LEU A 231 -27.80 7.73 -0.84
C LEU A 231 -27.83 6.56 -1.82
N GLU A 232 -26.94 5.60 -1.58
CA GLU A 232 -26.77 4.42 -2.46
C GLU A 232 -26.47 4.83 -3.89
N ARG A 233 -25.59 5.83 -4.00
CA ARG A 233 -25.03 6.27 -5.28
C ARG A 233 -23.50 6.18 -5.23
N PRO A 234 -22.95 4.95 -5.29
CA PRO A 234 -21.50 4.83 -5.36
C PRO A 234 -21.03 5.37 -6.71
N VAL A 235 -20.03 6.25 -6.68
CA VAL A 235 -19.47 6.83 -7.90
C VAL A 235 -18.52 5.83 -8.52
N ILE A 236 -18.68 5.61 -9.81
CA ILE A 236 -17.89 4.63 -10.56
C ILE A 236 -17.02 5.26 -11.65
N TYR A 237 -17.32 6.50 -12.03
CA TYR A 237 -16.74 7.09 -13.24
C TYR A 237 -16.78 8.61 -13.20
N ILE A 238 -15.63 9.23 -13.49
CA ILE A 238 -15.54 10.67 -13.59
C ILE A 238 -14.89 11.03 -14.92
N ASP A 239 -15.58 11.83 -15.71
CA ASP A 239 -15.15 12.16 -17.06
C ASP A 239 -14.96 13.68 -17.13
N GLN A 240 -13.72 14.11 -17.37
CA GLN A 240 -13.38 15.54 -17.45
C GLN A 240 -12.98 15.98 -18.85
N THR A 241 -13.32 15.20 -19.86
CA THR A 241 -12.91 15.48 -21.24
C THR A 241 -13.76 16.55 -21.91
N ARG A 242 -14.91 16.87 -21.31
CA ARG A 242 -15.85 17.84 -21.88
C ARG A 242 -15.94 19.10 -21.04
N GLU A 243 -16.79 20.04 -21.47
CA GLU A 243 -16.92 21.35 -20.83
C GLU A 243 -17.34 21.25 -19.37
N ASN A 244 -18.34 20.40 -19.10
CA ASN A 244 -18.76 20.11 -17.74
C ASN A 244 -18.29 18.72 -17.33
N VAL A 245 -17.95 18.57 -16.06
CA VAL A 245 -17.51 17.27 -15.53
C VAL A 245 -18.72 16.34 -15.45
N LEU A 246 -18.54 15.10 -15.89
CA LEU A 246 -19.59 14.09 -15.80
C LEU A 246 -19.23 13.08 -14.72
N VAL A 247 -20.16 12.88 -13.78
CA VAL A 247 -19.97 11.90 -12.70
C VAL A 247 -21.06 10.83 -12.80
N GLU A 248 -20.66 9.58 -12.96
CA GLU A 248 -21.59 8.47 -13.07
C GLU A 248 -21.59 7.59 -11.81
N THR A 249 -22.78 7.11 -11.45
CA THR A 249 -22.95 6.25 -10.29
C THR A 249 -23.24 4.80 -10.70
N LEU A 250 -23.09 3.88 -9.73
CA LEU A 250 -23.29 2.46 -9.97
C LEU A 250 -24.72 2.13 -10.37
N ASN A 251 -25.67 2.84 -9.74
CA ASN A 251 -27.11 2.65 -10.02
C ASN A 251 -27.58 3.37 -11.28
N HIS A 252 -26.64 3.65 -12.19
CA HIS A 252 -26.94 4.14 -13.53
C HIS A 252 -27.54 5.56 -13.59
N GLU A 253 -26.96 6.49 -12.83
CA GLU A 253 -27.34 7.90 -12.90
C GLU A 253 -26.14 8.74 -13.33
N MET A 254 -26.41 9.85 -14.01
CA MET A 254 -25.36 10.75 -14.46
C MET A 254 -25.55 12.13 -13.85
N TYR A 255 -24.46 12.68 -13.31
CA TYR A 255 -24.48 14.01 -12.74
C TYR A 255 -23.49 14.90 -13.48
N GLU A 256 -23.92 16.12 -13.77
CA GLU A 256 -23.09 17.06 -14.48
C GLU A 256 -22.80 18.26 -13.59
N ALA A 257 -21.52 18.64 -13.52
CA ALA A 257 -21.09 19.72 -12.63
C ALA A 257 -19.92 20.52 -13.18
N LYS A 258 -19.70 21.70 -12.62
CA LYS A 258 -18.55 22.53 -12.96
C LYS A 258 -17.28 22.00 -12.31
N TYR A 259 -17.42 21.48 -11.09
CA TYR A 259 -16.30 20.97 -10.29
C TYR A 259 -16.73 19.77 -9.48
N VAL A 260 -15.76 18.98 -9.04
CA VAL A 260 -16.01 17.84 -8.18
C VAL A 260 -15.13 17.91 -6.94
N ILE A 261 -15.69 17.56 -5.77
CA ILE A 261 -14.86 17.33 -4.59
C ILE A 261 -14.86 15.83 -4.29
N SER A 262 -13.68 15.24 -4.27
CA SER A 262 -13.51 13.87 -3.82
C SER A 262 -13.30 13.88 -2.31
N ALA A 263 -14.30 13.43 -1.56
CA ALA A 263 -14.22 13.46 -0.10
C ALA A 263 -14.20 12.03 0.47
N ILE A 264 -13.43 11.17 -0.18
CA ILE A 264 -13.32 9.76 0.20
C ILE A 264 -11.86 9.46 0.56
N PRO A 265 -11.63 8.41 1.36
CA PRO A 265 -10.24 8.00 1.64
C PRO A 265 -9.45 7.90 0.34
N PRO A 266 -8.19 8.38 0.34
CA PRO A 266 -7.41 8.42 -0.90
C PRO A 266 -7.44 7.12 -1.70
N THR A 267 -7.19 5.98 -1.05
CA THR A 267 -7.17 4.71 -1.78
C THR A 267 -8.52 4.34 -2.40
N LEU A 268 -9.61 4.82 -1.83
CA LEU A 268 -10.94 4.51 -2.38
C LEU A 268 -11.20 5.22 -3.71
N GLY A 269 -10.34 6.17 -4.06
CA GLY A 269 -10.30 6.74 -5.41
C GLY A 269 -10.11 5.67 -6.49
N MET A 270 -9.53 4.54 -6.10
CA MET A 270 -9.36 3.41 -6.99
C MET A 270 -10.68 2.82 -7.50
N LYS A 271 -11.76 3.03 -6.74
CA LYS A 271 -13.06 2.48 -7.11
C LYS A 271 -13.71 3.30 -8.24
N ILE A 272 -13.04 4.37 -8.64
CA ILE A 272 -13.54 5.25 -9.70
C ILE A 272 -12.65 5.11 -10.94
N HIS A 273 -13.29 4.96 -12.10
CA HIS A 273 -12.59 4.92 -13.36
C HIS A 273 -12.52 6.36 -13.87
N PHE A 274 -11.31 6.78 -14.25
CA PHE A 274 -11.11 8.18 -14.65
C PHE A 274 -10.86 8.34 -16.13
N ASN A 275 -11.49 9.38 -16.69
CA ASN A 275 -11.28 9.79 -18.08
C ASN A 275 -11.09 11.31 -18.09
N PRO A 276 -9.89 11.79 -18.51
CA PRO A 276 -8.73 11.00 -18.91
C PRO A 276 -8.12 10.31 -17.68
N PRO A 277 -7.18 9.39 -17.88
CA PRO A 277 -6.57 8.73 -16.72
C PRO A 277 -5.93 9.76 -15.79
N LEU A 278 -5.85 9.44 -14.50
CA LEU A 278 -5.18 10.32 -13.55
C LEU A 278 -3.71 10.51 -13.95
N PRO A 279 -3.10 11.64 -13.55
CA PRO A 279 -1.65 11.77 -13.77
C PRO A 279 -0.92 10.65 -13.03
N MET A 280 0.26 10.29 -13.53
CA MET A 280 1.05 9.17 -12.99
C MET A 280 1.18 9.15 -11.47
N MET A 281 1.50 10.28 -10.88
CA MET A 281 1.78 10.31 -9.45
C MET A 281 0.56 9.96 -8.63
N ARG A 282 -0.58 10.57 -8.94
CA ARG A 282 -1.80 10.19 -8.22
C ARG A 282 -2.24 8.75 -8.55
N ASN A 283 -2.09 8.35 -9.80
CA ASN A 283 -2.44 6.98 -10.23
C ASN A 283 -1.78 5.94 -9.31
N GLN A 284 -0.48 6.13 -9.08
CA GLN A 284 0.26 5.23 -8.20
C GLN A 284 0.04 5.49 -6.72
N MET A 285 -0.08 6.75 -6.32
CA MET A 285 -0.29 7.09 -4.91
C MET A 285 -1.48 6.35 -4.30
N ILE A 286 -2.58 6.28 -5.04
CA ILE A 286 -3.82 5.71 -4.49
C ILE A 286 -3.78 4.19 -4.30
N THR A 287 -2.69 3.56 -4.73
CA THR A 287 -2.45 2.13 -4.51
C THR A 287 -1.46 1.89 -3.37
N ARG A 288 -0.97 2.98 -2.76
CA ARG A 288 0.14 2.93 -1.81
C ARG A 288 -0.22 3.37 -0.40
N VAL A 289 -1.51 3.59 -0.16
CA VAL A 289 -1.99 4.27 1.04
C VAL A 289 -3.17 3.54 1.71
N PRO A 290 -2.87 2.44 2.42
CA PRO A 290 -3.91 1.65 3.09
C PRO A 290 -4.43 2.33 4.34
N LEU A 291 -5.60 1.90 4.80
CA LEU A 291 -6.11 2.35 6.10
C LEU A 291 -5.81 1.28 7.14
N GLY A 292 -5.79 1.69 8.41
CA GLY A 292 -5.47 0.79 9.50
C GLY A 292 -6.57 -0.19 9.81
N SER A 293 -6.35 -0.99 10.84
CA SER A 293 -7.23 -2.12 11.17
C SER A 293 -7.64 -2.05 12.64
N VAL A 294 -8.95 -2.08 12.87
CA VAL A 294 -9.47 -1.95 14.23
C VAL A 294 -10.86 -2.55 14.37
N ILE A 295 -11.11 -3.17 15.52
CA ILE A 295 -12.47 -3.50 15.93
C ILE A 295 -12.78 -2.66 17.15
N LYS A 296 -13.84 -1.87 17.08
CA LYS A 296 -14.28 -1.08 18.23
C LYS A 296 -15.35 -1.88 18.96
N CYS A 297 -15.11 -2.13 20.24
CA CYS A 297 -15.95 -3.04 21.02
C CYS A 297 -16.46 -2.35 22.28
N ILE A 298 -17.76 -2.46 22.54
CA ILE A 298 -18.36 -1.82 23.70
C ILE A 298 -19.10 -2.88 24.52
N VAL A 299 -18.63 -3.10 25.75
CA VAL A 299 -19.21 -4.05 26.68
C VAL A 299 -20.01 -3.27 27.72
N TYR A 300 -21.29 -3.62 27.86
CA TYR A 300 -22.22 -2.94 28.75
C TYR A 300 -22.39 -3.71 30.05
N TYR A 301 -22.53 -2.96 31.14
CA TYR A 301 -22.71 -3.52 32.47
C TYR A 301 -23.88 -2.86 33.19
N LYS A 302 -24.35 -3.49 34.27
CA LYS A 302 -25.44 -2.91 35.08
C LYS A 302 -25.05 -1.57 35.69
N GLU A 303 -23.80 -1.45 36.15
CA GLU A 303 -23.29 -0.24 36.79
C GLU A 303 -21.83 -0.02 36.39
N PRO A 304 -21.35 1.24 36.47
CA PRO A 304 -19.93 1.51 36.24
C PRO A 304 -19.11 1.09 37.46
N PHE A 305 -19.09 -0.22 37.72
CA PHE A 305 -18.53 -0.78 38.94
C PHE A 305 -17.07 -0.43 39.20
N TRP A 306 -16.32 -0.17 38.13
CA TRP A 306 -14.91 0.19 38.24
C TRP A 306 -14.69 1.47 39.05
N ARG A 307 -15.64 2.40 38.96
CA ARG A 307 -15.53 3.66 39.70
C ARG A 307 -15.51 3.44 41.21
N LYS A 308 -16.22 2.42 41.68
CA LYS A 308 -16.24 2.08 43.11
C LYS A 308 -14.87 1.67 43.63
N LYS A 309 -14.02 1.18 42.73
CA LYS A 309 -12.64 0.80 43.07
C LYS A 309 -11.64 1.89 42.75
N ASP A 310 -12.17 3.09 42.47
CA ASP A 310 -11.37 4.27 42.14
C ASP A 310 -10.57 4.06 40.85
N TYR A 311 -11.20 3.40 39.89
CA TYR A 311 -10.71 3.32 38.52
C TYR A 311 -11.67 4.04 37.60
N CYS A 312 -11.15 4.87 36.70
CA CYS A 312 -12.02 5.66 35.81
C CYS A 312 -12.55 4.84 34.64
N GLY A 313 -11.88 3.73 34.31
CA GLY A 313 -12.28 2.87 33.19
C GLY A 313 -11.23 2.82 32.10
N THR A 314 -10.24 3.71 32.22
CA THR A 314 -9.12 3.73 31.28
C THR A 314 -8.14 2.64 31.63
N MET A 315 -7.84 1.79 30.66
CA MET A 315 -6.87 0.72 30.82
C MET A 315 -5.91 0.78 29.63
N ILE A 316 -4.63 0.84 29.94
CA ILE A 316 -3.56 0.72 28.94
C ILE A 316 -2.95 -0.65 29.16
N ILE A 317 -3.15 -1.55 28.20
CA ILE A 317 -2.87 -2.98 28.41
C ILE A 317 -1.81 -3.49 27.46
N ASP A 318 -0.64 -3.78 28.03
CA ASP A 318 0.54 -4.22 27.30
C ASP A 318 0.42 -5.72 27.03
N GLY A 319 1.05 -6.20 25.96
CA GLY A 319 1.21 -7.64 25.78
C GLY A 319 0.39 -8.26 24.67
N GLU A 320 0.97 -9.28 24.06
CA GLU A 320 0.37 -9.96 22.90
C GLU A 320 -0.94 -10.66 23.23
N GLU A 321 -1.06 -11.20 24.44
CA GLU A 321 -2.19 -12.04 24.81
C GLU A 321 -3.48 -11.22 24.94
N ALA A 322 -3.37 -9.97 25.36
CA ALA A 322 -4.53 -9.13 25.55
C ALA A 322 -5.14 -8.77 24.19
N PRO A 323 -6.43 -9.12 23.98
CA PRO A 323 -7.10 -8.76 22.73
C PRO A 323 -7.24 -7.24 22.56
N VAL A 324 -7.46 -6.53 23.66
CA VAL A 324 -7.67 -5.08 23.66
C VAL A 324 -6.50 -4.43 24.39
N ALA A 325 -5.87 -3.43 23.76
CA ALA A 325 -4.73 -2.73 24.34
C ALA A 325 -5.11 -1.40 25.02
N TYR A 326 -6.33 -0.92 24.79
CA TYR A 326 -6.76 0.39 25.30
C TYR A 326 -8.26 0.44 25.47
N THR A 327 -8.69 0.96 26.62
CA THR A 327 -10.12 1.14 26.90
C THR A 327 -10.39 2.52 27.47
N LEU A 328 -11.64 2.97 27.33
CA LEU A 328 -12.17 4.14 28.00
C LEU A 328 -13.58 3.83 28.53
N ASP A 329 -13.94 4.50 29.62
CA ASP A 329 -15.30 4.46 30.14
C ASP A 329 -16.24 5.03 29.08
N ASP A 330 -17.26 4.27 28.69
CA ASP A 330 -18.22 4.73 27.68
C ASP A 330 -19.63 4.94 28.27
N THR A 331 -19.70 5.01 29.59
CA THR A 331 -20.93 5.29 30.31
C THR A 331 -21.52 6.64 29.88
N LYS A 332 -22.86 6.70 29.79
CA LYS A 332 -23.53 7.95 29.42
C LYS A 332 -23.30 9.02 30.48
N PRO A 333 -23.40 10.32 30.09
CA PRO A 333 -23.14 11.38 31.07
C PRO A 333 -24.07 11.30 32.28
N GLU A 334 -25.28 10.76 32.08
CA GLU A 334 -26.26 10.62 33.15
C GLU A 334 -25.84 9.56 34.18
N GLY A 335 -24.92 8.69 33.79
CA GLY A 335 -24.36 7.67 34.67
C GLY A 335 -24.96 6.31 34.41
N ASN A 336 -25.83 6.23 33.41
CA ASN A 336 -26.47 4.97 33.03
C ASN A 336 -25.88 4.40 31.75
N TYR A 337 -26.39 3.24 31.32
CA TYR A 337 -25.81 2.47 30.21
C TYR A 337 -24.30 2.31 30.43
N ALA A 338 -23.93 1.93 31.65
CA ALA A 338 -22.53 1.73 32.00
C ALA A 338 -21.87 0.84 30.96
N ALA A 339 -20.67 1.21 30.56
CA ALA A 339 -19.98 0.52 29.46
C ALA A 339 -18.49 0.80 29.45
N ILE A 340 -17.75 -0.16 28.92
CA ILE A 340 -16.33 0.00 28.63
C ILE A 340 -16.14 -0.11 27.12
N MET A 341 -15.53 0.91 26.53
CA MET A 341 -15.13 0.88 25.12
C MET A 341 -13.71 0.36 25.03
N GLY A 342 -13.46 -0.59 24.14
CA GLY A 342 -12.10 -1.08 23.93
C GLY A 342 -11.81 -1.26 22.45
N PHE A 343 -10.54 -1.08 22.07
CA PHE A 343 -10.09 -1.28 20.70
C PHE A 343 -9.28 -2.56 20.58
N ILE A 344 -9.61 -3.36 19.57
CA ILE A 344 -8.77 -4.48 19.16
C ILE A 344 -7.98 -3.96 17.96
N LEU A 345 -6.66 -3.85 18.12
CA LEU A 345 -5.83 -3.02 17.21
C LEU A 345 -4.97 -3.80 16.24
N ALA A 346 -4.87 -3.28 15.02
CA ALA A 346 -3.89 -3.72 14.03
C ALA A 346 -3.93 -5.25 13.84
N HIS A 347 -2.80 -5.95 14.02
CA HIS A 347 -2.80 -7.40 13.73
C HIS A 347 -3.83 -8.19 14.54
N LYS A 348 -4.17 -7.72 15.73
CA LYS A 348 -5.18 -8.39 16.56
C LYS A 348 -6.58 -8.28 15.96
N ALA A 349 -6.86 -7.18 15.26
CA ALA A 349 -8.13 -7.06 14.54
C ALA A 349 -8.23 -8.14 13.47
N ARG A 350 -7.11 -8.41 12.80
CA ARG A 350 -7.04 -9.47 11.80
C ARG A 350 -7.15 -10.85 12.44
N LYS A 351 -6.36 -11.07 13.49
CA LYS A 351 -6.32 -12.35 14.20
C LYS A 351 -7.68 -12.72 14.78
N LEU A 352 -8.30 -11.79 15.50
CA LEU A 352 -9.52 -12.10 16.26
C LEU A 352 -10.84 -11.96 15.49
N ALA A 353 -10.75 -11.47 14.25
CA ALA A 353 -11.93 -11.32 13.40
C ALA A 353 -12.59 -12.68 13.11
N ARG A 354 -11.79 -13.73 13.11
CA ARG A 354 -12.23 -15.10 12.85
C ARG A 354 -13.22 -15.61 13.90
N LEU A 355 -13.09 -15.11 15.12
CA LEU A 355 -13.96 -15.51 16.23
C LEU A 355 -15.39 -15.03 16.04
N THR A 356 -16.32 -15.61 16.79
CA THR A 356 -17.68 -15.12 16.81
C THR A 356 -17.75 -13.89 17.73
N LYS A 357 -18.83 -13.12 17.59
CA LYS A 357 -19.12 -11.99 18.47
C LYS A 357 -19.14 -12.42 19.93
N GLU A 358 -19.79 -13.55 20.20
CA GLU A 358 -19.87 -14.09 21.56
C GLU A 358 -18.49 -14.48 22.10
N GLU A 359 -17.66 -15.06 21.23
CA GLU A 359 -16.29 -15.43 21.60
C GLU A 359 -15.43 -14.21 21.95
N ARG A 360 -15.53 -13.14 21.15
CA ARG A 360 -14.83 -11.90 21.45
C ARG A 360 -15.34 -11.28 22.75
N LEU A 361 -16.66 -11.30 22.96
CA LEU A 361 -17.23 -10.75 24.21
C LEU A 361 -16.61 -11.46 25.43
N LYS A 362 -16.52 -12.79 25.35
CA LYS A 362 -15.97 -13.57 26.45
C LYS A 362 -14.51 -13.22 26.73
N LYS A 363 -13.69 -13.14 25.68
CA LYS A 363 -12.28 -12.78 25.83
C LYS A 363 -12.10 -11.38 26.43
N LEU A 364 -12.94 -10.44 26.02
CA LEU A 364 -12.85 -9.08 26.55
C LEU A 364 -13.24 -9.04 28.03
N CYS A 365 -14.33 -9.71 28.40
CA CYS A 365 -14.76 -9.74 29.80
C CYS A 365 -13.71 -10.37 30.70
N GLU A 366 -13.11 -11.46 30.23
CA GLU A 366 -12.05 -12.12 31.01
C GLU A 366 -10.82 -11.24 31.18
N LEU A 367 -10.46 -10.52 30.12
CA LEU A 367 -9.39 -9.53 30.20
C LEU A 367 -9.72 -8.43 31.21
N TYR A 368 -10.88 -7.82 31.06
CA TYR A 368 -11.30 -6.73 31.94
C TYR A 368 -11.37 -7.16 33.40
N ALA A 369 -11.88 -8.37 33.64
CA ALA A 369 -11.96 -8.91 35.00
C ALA A 369 -10.58 -8.95 35.64
N LYS A 370 -9.60 -9.41 34.87
CA LYS A 370 -8.22 -9.48 35.30
C LYS A 370 -7.64 -8.09 35.57
N VAL A 371 -7.77 -7.19 34.60
CA VAL A 371 -7.14 -5.88 34.68
C VAL A 371 -7.74 -5.04 35.80
N LEU A 372 -9.06 -5.12 35.94
CA LEU A 372 -9.82 -4.37 36.94
C LEU A 372 -9.89 -5.10 38.29
N GLY A 373 -9.37 -6.33 38.30
CA GLY A 373 -9.45 -7.20 39.49
C GLY A 373 -10.89 -7.32 39.98
N SER A 374 -11.81 -7.49 39.06
CA SER A 374 -13.24 -7.45 39.38
C SER A 374 -14.02 -8.57 38.69
N LEU A 375 -14.61 -9.46 39.49
CA LEU A 375 -15.52 -10.48 38.97
C LEU A 375 -16.76 -9.89 38.27
N GLU A 376 -17.17 -8.68 38.64
CA GLU A 376 -18.32 -8.02 37.99
C GLU A 376 -18.14 -7.86 36.49
N ALA A 377 -16.88 -7.80 36.04
CA ALA A 377 -16.57 -7.67 34.61
C ALA A 377 -16.99 -8.88 33.79
N LEU A 378 -17.21 -10.01 34.47
CA LEU A 378 -17.65 -11.24 33.81
C LEU A 378 -19.17 -11.29 33.60
N GLU A 379 -19.86 -10.21 33.98
CA GLU A 379 -21.32 -10.18 33.92
C GLU A 379 -21.88 -9.08 32.99
N PRO A 380 -21.51 -9.12 31.69
CA PRO A 380 -22.00 -8.07 30.81
C PRO A 380 -23.50 -8.21 30.59
N VAL A 381 -24.17 -7.10 30.31
CA VAL A 381 -25.61 -7.09 30.03
C VAL A 381 -25.91 -6.93 28.55
N HIS A 382 -24.93 -6.43 27.81
CA HIS A 382 -25.06 -6.18 26.38
C HIS A 382 -23.68 -6.00 25.76
N TYR A 383 -23.60 -6.16 24.45
CA TYR A 383 -22.34 -6.01 23.71
C TYR A 383 -22.63 -5.46 22.31
N GLU A 384 -21.83 -4.48 21.89
CA GLU A 384 -21.86 -4.00 20.50
C GLU A 384 -20.44 -3.92 20.00
N GLU A 385 -20.24 -4.16 18.70
CA GLU A 385 -18.91 -4.07 18.10
C GLU A 385 -18.99 -3.73 16.62
N LYS A 386 -17.89 -3.22 16.08
CA LYS A 386 -17.79 -3.02 14.65
C LYS A 386 -16.36 -3.23 14.19
N ASN A 387 -16.19 -4.16 13.27
CA ASN A 387 -14.90 -4.38 12.61
C ASN A 387 -14.82 -3.52 11.35
N TRP A 388 -14.05 -2.44 11.40
CA TRP A 388 -13.97 -1.53 10.26
C TRP A 388 -13.18 -2.06 9.05
N CYS A 389 -12.43 -3.15 9.25
CA CYS A 389 -11.69 -3.81 8.17
C CYS A 389 -12.61 -4.39 7.08
N GLU A 390 -13.86 -4.66 7.42
CA GLU A 390 -14.78 -5.30 6.48
C GLU A 390 -15.51 -4.32 5.54
N GLU A 391 -15.34 -3.02 5.78
CA GLU A 391 -16.09 -1.98 5.08
C GLU A 391 -15.52 -1.64 3.71
N GLN A 392 -16.27 -1.98 2.67
CA GLN A 392 -15.88 -1.69 1.28
C GLN A 392 -15.69 -0.20 1.06
N TYR A 393 -16.54 0.61 1.69
CA TYR A 393 -16.49 2.06 1.44
C TYR A 393 -15.77 2.87 2.52
N SER A 394 -15.02 2.18 3.38
CA SER A 394 -14.07 2.83 4.28
C SER A 394 -12.65 2.32 4.02
N GLY A 395 -12.50 1.00 3.97
CA GLY A 395 -11.21 0.35 3.77
C GLY A 395 -10.50 0.01 5.07
N GLY A 396 -11.03 0.54 6.18
CA GLY A 396 -10.43 0.40 7.51
C GLY A 396 -10.71 1.62 8.38
N CYS A 397 -10.05 1.68 9.54
CA CYS A 397 -10.13 2.82 10.46
C CYS A 397 -8.86 2.83 11.31
N TYR A 398 -8.51 3.97 11.92
CA TYR A 398 -9.25 5.24 11.80
C TYR A 398 -9.00 5.93 10.48
N THR A 399 -7.79 5.75 9.96
CA THR A 399 -7.36 6.58 8.85
C THR A 399 -6.27 5.90 8.03
N THR A 400 -5.82 6.62 7.01
CA THR A 400 -4.81 6.15 6.08
C THR A 400 -3.44 6.27 6.71
N TYR A 401 -2.64 5.20 6.59
CA TYR A 401 -1.24 5.28 6.98
C TYR A 401 -0.33 5.18 5.76
N PHE A 402 0.88 5.70 5.90
CA PHE A 402 1.87 5.67 4.84
C PHE A 402 3.00 4.72 5.20
N PRO A 403 3.17 3.64 4.40
CA PRO A 403 4.32 2.74 4.56
C PRO A 403 5.64 3.45 4.23
N PRO A 404 6.79 2.85 4.58
CA PRO A 404 8.06 3.54 4.33
C PRO A 404 8.25 3.94 2.87
N GLY A 405 8.75 5.15 2.67
CA GLY A 405 9.12 5.62 1.34
C GLY A 405 8.03 6.37 0.56
N ILE A 406 6.78 6.27 1.02
CA ILE A 406 5.65 6.78 0.23
C ILE A 406 5.42 8.28 0.38
N LEU A 407 5.48 8.77 1.62
CA LEU A 407 5.14 10.18 1.89
C LEU A 407 6.07 11.15 1.16
N THR A 408 7.37 10.84 1.11
CA THR A 408 8.31 11.72 0.41
C THR A 408 8.14 11.63 -1.11
N GLN A 409 7.82 10.44 -1.61
CA GLN A 409 7.68 10.24 -3.05
C GLN A 409 6.34 10.71 -3.61
N TYR A 410 5.27 10.56 -2.84
CA TYR A 410 3.90 10.77 -3.34
C TYR A 410 3.08 11.78 -2.55
N GLY A 411 3.56 12.13 -1.35
CA GLY A 411 2.81 13.01 -0.43
C GLY A 411 2.37 14.32 -1.05
N ARG A 412 3.21 14.90 -1.90
CA ARG A 412 2.92 16.18 -2.57
C ARG A 412 1.60 16.21 -3.34
N VAL A 413 1.16 15.06 -3.87
CA VAL A 413 -0.05 15.07 -4.71
C VAL A 413 -1.35 14.77 -3.96
N LEU A 414 -1.26 14.53 -2.65
CA LEU A 414 -2.42 14.13 -1.88
C LEU A 414 -3.63 15.06 -2.08
N ARG A 415 -3.40 16.38 -2.00
CA ARG A 415 -4.49 17.34 -2.19
C ARG A 415 -4.30 18.28 -3.39
N GLN A 416 -3.42 17.88 -4.30
CA GLN A 416 -3.25 18.59 -5.56
C GLN A 416 -4.46 18.34 -6.46
N PRO A 417 -5.14 19.42 -6.90
CA PRO A 417 -6.30 19.26 -7.79
C PRO A 417 -5.93 18.55 -9.09
N VAL A 418 -6.87 17.75 -9.60
CA VAL A 418 -6.72 17.12 -10.90
C VAL A 418 -7.76 17.76 -11.81
N ASP A 419 -7.31 18.73 -12.61
CA ASP A 419 -8.18 19.54 -13.47
C ASP A 419 -9.27 20.19 -12.60
N ARG A 420 -10.50 19.65 -12.62
CA ARG A 420 -11.60 20.23 -11.86
C ARG A 420 -12.02 19.39 -10.67
N ILE A 421 -11.21 18.38 -10.34
CA ILE A 421 -11.41 17.59 -9.13
C ILE A 421 -10.54 18.14 -8.02
N TYR A 422 -11.17 18.46 -6.89
CA TYR A 422 -10.48 18.92 -5.71
C TYR A 422 -10.63 17.87 -4.60
N PHE A 423 -9.69 17.85 -3.67
CA PHE A 423 -9.62 16.73 -2.74
C PHE A 423 -9.83 17.13 -1.29
N ALA A 424 -10.89 16.60 -0.70
CA ALA A 424 -11.16 16.79 0.73
C ALA A 424 -10.86 15.47 1.43
N GLY A 425 -11.56 15.20 2.53
CA GLY A 425 -11.30 13.99 3.30
C GLY A 425 -10.24 14.29 4.34
N THR A 426 -10.36 13.64 5.50
CA THR A 426 -9.50 13.95 6.63
C THR A 426 -8.02 13.77 6.32
N GLU A 427 -7.70 12.85 5.41
CA GLU A 427 -6.31 12.55 5.05
C GLU A 427 -5.57 13.74 4.46
N THR A 428 -6.33 14.70 3.94
CA THR A 428 -5.75 15.89 3.32
C THR A 428 -5.62 17.09 4.26
N ALA A 429 -6.04 16.93 5.52
CA ALA A 429 -5.95 18.01 6.50
C ALA A 429 -4.51 18.24 6.97
N THR A 430 -4.26 19.38 7.60
CA THR A 430 -2.92 19.72 8.11
C THR A 430 -2.92 19.82 9.63
N HIS A 431 -4.11 19.75 10.24
CA HIS A 431 -4.27 19.78 11.69
C HIS A 431 -5.33 18.77 12.07
N TRP A 432 -4.96 17.79 12.90
CA TRP A 432 -5.79 16.65 13.22
C TRP A 432 -6.30 15.87 11.98
N SER A 433 -5.44 15.75 10.98
CA SER A 433 -5.66 14.77 9.90
C SER A 433 -5.83 13.39 10.53
N GLY A 434 -6.81 12.63 10.06
CA GLY A 434 -7.16 11.32 10.62
C GLY A 434 -8.39 11.37 11.51
N TYR A 435 -8.82 12.59 11.85
CA TYR A 435 -9.89 12.83 12.82
C TYR A 435 -11.09 13.53 12.17
N MET A 436 -12.19 13.58 12.90
CA MET A 436 -13.33 14.41 12.49
C MET A 436 -12.94 15.87 12.29
N GLU A 437 -12.08 16.39 13.17
CA GLU A 437 -11.54 17.75 13.01
C GLU A 437 -10.92 17.96 11.62
N GLY A 438 -10.01 17.05 11.25
CA GLY A 438 -9.36 17.10 9.93
C GLY A 438 -10.35 17.00 8.78
N ALA A 439 -11.40 16.20 8.96
CA ALA A 439 -12.45 16.09 7.95
C ALA A 439 -13.07 17.45 7.69
N VAL A 440 -13.39 18.18 8.75
CA VAL A 440 -13.99 19.52 8.60
C VAL A 440 -13.00 20.46 7.92
N GLU A 441 -11.76 20.50 8.39
CA GLU A 441 -10.74 21.37 7.80
C GLU A 441 -10.63 21.15 6.30
N ALA A 442 -10.53 19.88 5.90
CA ALA A 442 -10.30 19.52 4.50
C ALA A 442 -11.50 19.78 3.60
N GLY A 443 -12.70 19.49 4.12
CA GLY A 443 -13.95 19.71 3.39
C GLY A 443 -14.14 21.19 3.08
N GLU A 444 -13.97 22.01 4.11
CA GLU A 444 -14.14 23.46 3.96
C GLU A 444 -13.04 24.09 3.10
N ARG A 445 -11.81 23.61 3.25
CA ARG A 445 -10.70 24.07 2.39
C ARG A 445 -10.94 23.74 0.92
N ALA A 446 -11.34 22.48 0.63
CA ALA A 446 -11.63 22.06 -0.73
C ALA A 446 -12.77 22.91 -1.34
N ALA A 447 -13.82 23.12 -0.55
CA ALA A 447 -14.92 23.98 -0.96
C ALA A 447 -14.41 25.38 -1.35
N ARG A 448 -13.55 25.95 -0.51
CA ARG A 448 -13.04 27.29 -0.77
C ARG A 448 -12.04 27.34 -1.94
N GLU A 449 -11.36 26.22 -2.23
CA GLU A 449 -10.56 26.14 -3.46
C GLU A 449 -11.43 26.33 -4.70
N ILE A 450 -12.60 25.71 -4.68
CA ILE A 450 -13.59 25.86 -5.75
C ILE A 450 -14.15 27.28 -5.81
N LEU A 451 -14.48 27.85 -4.65
CA LEU A 451 -14.97 29.24 -4.60
C LEU A 451 -13.93 30.19 -5.20
N HIS A 452 -12.66 29.94 -4.92
CA HIS A 452 -11.59 30.73 -5.51
C HIS A 452 -11.48 30.50 -7.02
N ALA A 453 -11.57 29.23 -7.45
CA ALA A 453 -11.57 28.91 -8.87
C ALA A 453 -12.71 29.60 -9.62
N MET A 454 -13.83 29.81 -8.94
CA MET A 454 -14.97 30.51 -9.53
C MET A 454 -14.85 32.03 -9.43
N GLY A 455 -13.77 32.50 -8.82
CA GLY A 455 -13.51 33.94 -8.64
C GLY A 455 -14.39 34.60 -7.59
N LYS A 456 -14.93 33.80 -6.68
CA LYS A 456 -15.86 34.30 -5.67
C LYS A 456 -15.16 34.77 -4.40
N ILE A 457 -13.97 34.23 -4.14
CA ILE A 457 -13.16 34.63 -2.99
C ILE A 457 -11.70 34.78 -3.43
N PRO A 458 -10.93 35.63 -2.72
CA PRO A 458 -9.50 35.76 -3.03
C PRO A 458 -8.69 34.55 -2.55
N GLU A 459 -7.48 34.41 -3.09
CA GLU A 459 -6.59 33.29 -2.77
C GLU A 459 -6.35 33.13 -1.26
N ASP A 460 -6.15 34.25 -0.57
CA ASP A 460 -5.82 34.23 0.85
C ASP A 460 -6.99 33.81 1.75
N GLU A 461 -8.13 33.51 1.15
CA GLU A 461 -9.28 33.04 1.91
C GLU A 461 -9.51 31.52 1.79
N ILE A 462 -8.67 30.85 1.00
CA ILE A 462 -8.77 29.39 0.82
C ILE A 462 -8.51 28.67 2.14
N TRP A 463 -7.43 29.04 2.81
CA TRP A 463 -7.08 28.49 4.11
C TRP A 463 -7.48 29.48 5.18
N GLN A 464 -8.38 29.08 6.06
CA GLN A 464 -8.96 29.97 7.07
C GLN A 464 -8.69 29.45 8.48
N SER A 465 -8.18 30.34 9.33
CA SER A 465 -7.98 30.04 10.75
C SER A 465 -9.33 29.85 11.45
N GLU A 466 -9.30 29.20 12.62
CA GLU A 466 -10.51 28.93 13.37
C GLU A 466 -10.39 29.50 14.78
N PRO A 467 -11.38 30.34 15.19
CA PRO A 467 -11.39 30.83 16.57
C PRO A 467 -11.47 29.68 17.57
N GLU A 468 -10.79 29.82 18.70
CA GLU A 468 -10.84 28.80 19.74
C GLU A 468 -12.25 28.67 20.30
N SER A 469 -12.68 27.42 20.51
CA SER A 469 -13.93 27.12 21.19
C SER A 469 -13.97 27.78 22.57
N VAL A 470 -15.11 28.38 22.91
CA VAL A 470 -15.32 28.93 24.25
C VAL A 470 -15.73 27.82 25.23
N ASP A 471 -16.27 26.74 24.68
CA ASP A 471 -16.80 25.63 25.47
C ASP A 471 -15.73 24.61 25.83
N VAL A 472 -14.72 24.46 24.97
CA VAL A 472 -13.66 23.50 25.16
C VAL A 472 -12.31 24.21 25.01
N PRO A 473 -11.94 24.99 26.04
CA PRO A 473 -10.69 25.75 25.93
C PRO A 473 -9.48 24.82 26.03
N ALA A 474 -8.40 25.19 25.38
CA ALA A 474 -7.19 24.37 25.36
C ALA A 474 -6.15 24.87 26.34
N GLN A 475 -5.84 24.04 27.33
CA GLN A 475 -4.72 24.31 28.22
C GLN A 475 -3.44 24.02 27.44
N PRO A 476 -2.40 24.85 27.62
CA PRO A 476 -1.17 24.61 26.88
C PRO A 476 -0.48 23.32 27.34
N ILE A 477 0.32 22.73 26.47
CA ILE A 477 1.13 21.57 26.83
C ILE A 477 2.43 22.09 27.43
N THR A 478 2.70 21.67 28.67
CA THR A 478 3.87 22.16 29.40
C THR A 478 4.80 21.00 29.72
N THR A 479 6.08 21.32 29.92
CA THR A 479 7.07 20.35 30.39
C THR A 479 7.77 20.92 31.62
N THR A 480 8.41 20.06 32.41
CA THR A 480 9.20 20.50 33.55
C THR A 480 10.66 20.64 33.13
N PHE A 481 11.44 21.36 33.94
CA PHE A 481 12.87 21.50 33.73
C PHE A 481 13.57 20.15 33.57
N LEU A 482 13.25 19.22 34.47
CA LEU A 482 13.86 17.89 34.45
C LEU A 482 13.48 17.11 33.20
N GLU A 483 12.21 17.20 32.81
CA GLU A 483 11.73 16.55 31.58
C GLU A 483 12.51 17.04 30.36
N ARG A 484 12.75 18.34 30.29
CA ARG A 484 13.52 18.94 29.19
C ARG A 484 15.00 18.57 29.19
N HIS A 485 15.61 18.47 30.37
CA HIS A 485 17.08 18.40 30.45
C HIS A 485 17.70 17.10 30.96
N LEU A 486 16.90 16.21 31.52
CA LEU A 486 17.42 14.89 31.91
C LEU A 486 18.00 14.20 30.68
N PRO A 487 19.14 13.52 30.84
CA PRO A 487 19.77 12.86 29.70
C PRO A 487 19.01 11.60 29.28
N SER A 488 19.20 11.20 28.02
CA SER A 488 18.77 9.89 27.54
C SER A 488 19.68 8.84 28.17
N VAL A 489 19.37 7.56 27.94
CA VAL A 489 20.24 6.48 28.42
C VAL A 489 21.65 6.60 27.81
N PRO A 490 21.77 6.67 26.46
CA PRO A 490 23.13 6.83 25.92
C PRO A 490 23.78 8.15 26.35
N GLY A 491 22.96 9.18 26.54
CA GLY A 491 23.42 10.46 27.10
C GLY A 491 24.09 10.28 28.46
N LEU A 492 23.44 9.53 29.35
CA LEU A 492 23.99 9.19 30.66
C LEU A 492 25.30 8.42 30.53
N LEU A 493 25.34 7.46 29.60
CA LEU A 493 26.52 6.62 29.38
C LEU A 493 27.72 7.43 28.87
N ARG A 494 27.45 8.46 28.07
CA ARG A 494 28.48 9.39 27.61
C ARG A 494 29.03 10.22 28.77
N LEU A 495 28.15 10.64 29.67
CA LEU A 495 28.55 11.31 30.90
C LEU A 495 29.39 10.42 31.82
N ILE A 496 29.07 9.13 31.86
CA ILE A 496 29.90 8.15 32.58
C ILE A 496 31.21 7.91 31.83
N GLY A 497 31.14 7.78 30.50
CA GLY A 497 32.34 7.67 29.67
C GLY A 497 33.33 8.80 29.92
N LEU A 498 32.81 10.01 30.05
CA LEU A 498 33.63 11.22 30.25
C LEU A 498 34.30 11.28 31.62
N THR A 499 33.53 11.04 32.68
CA THR A 499 34.04 11.10 34.05
C THR A 499 35.02 9.95 34.36
N THR A 500 34.78 8.79 33.75
CA THR A 500 35.68 7.65 33.87
C THR A 500 37.01 7.91 33.16
N ILE A 501 36.94 8.59 32.02
CA ILE A 501 38.14 8.97 31.25
C ILE A 501 38.83 10.18 31.85
N ASN B 3 -23.66 -11.58 -23.14
CA ASN B 3 -24.58 -11.87 -22.01
C ASN B 3 -24.24 -13.18 -21.26
N LYS B 4 -24.78 -14.31 -21.72
CA LYS B 4 -24.65 -15.57 -20.96
C LYS B 4 -23.48 -16.45 -21.41
N CYS B 5 -22.71 -16.93 -20.44
CA CYS B 5 -21.61 -17.85 -20.71
C CYS B 5 -21.30 -18.71 -19.48
N ASP B 6 -20.31 -19.59 -19.60
CA ASP B 6 -19.88 -20.42 -18.48
C ASP B 6 -18.95 -19.67 -17.53
N VAL B 7 -17.95 -19.00 -18.11
CA VAL B 7 -16.93 -18.29 -17.32
C VAL B 7 -16.62 -16.92 -17.93
N VAL B 8 -16.70 -15.87 -17.09
CA VAL B 8 -16.19 -14.56 -17.46
C VAL B 8 -14.77 -14.44 -16.93
N VAL B 9 -13.84 -14.07 -17.81
CA VAL B 9 -12.46 -13.78 -17.41
C VAL B 9 -12.28 -12.27 -17.45
N VAL B 10 -11.92 -11.70 -16.31
CA VAL B 10 -11.70 -10.27 -16.21
C VAL B 10 -10.22 -10.01 -16.44
N GLY B 11 -9.91 -9.38 -17.56
CA GLY B 11 -8.52 -9.08 -17.92
C GLY B 11 -8.00 -9.95 -19.05
N GLY B 12 -7.52 -9.30 -20.11
CA GLY B 12 -6.96 -10.00 -21.26
C GLY B 12 -5.46 -9.81 -21.40
N GLY B 13 -4.75 -9.86 -20.27
CA GLY B 13 -3.31 -10.06 -20.29
C GLY B 13 -3.01 -11.52 -20.54
N ILE B 14 -1.73 -11.89 -20.47
CA ILE B 14 -1.33 -13.29 -20.67
C ILE B 14 -2.06 -14.24 -19.73
N SER B 15 -2.27 -13.84 -18.49
CA SER B 15 -2.91 -14.75 -17.52
C SER B 15 -4.37 -15.02 -17.87
N GLY B 16 -5.13 -13.96 -18.12
CA GLY B 16 -6.54 -14.09 -18.53
C GLY B 16 -6.68 -14.84 -19.84
N MET B 17 -5.82 -14.52 -20.80
CA MET B 17 -5.83 -15.20 -22.10
C MET B 17 -5.50 -16.68 -21.97
N ALA B 18 -4.48 -17.01 -21.18
CA ALA B 18 -4.11 -18.42 -20.93
C ALA B 18 -5.27 -19.17 -20.26
N ALA B 19 -5.93 -18.53 -19.30
CA ALA B 19 -7.08 -19.14 -18.63
C ALA B 19 -8.24 -19.35 -19.61
N ALA B 20 -8.53 -18.31 -20.39
CA ALA B 20 -9.62 -18.36 -21.35
C ALA B 20 -9.38 -19.44 -22.40
N LYS B 21 -8.13 -19.56 -22.87
CA LYS B 21 -7.78 -20.57 -23.86
C LYS B 21 -7.99 -21.98 -23.31
N LEU B 22 -7.53 -22.22 -22.08
CA LEU B 22 -7.68 -23.54 -21.47
C LEU B 22 -9.16 -23.93 -21.35
N LEU B 23 -9.96 -23.01 -20.83
CA LEU B 23 -11.40 -23.23 -20.68
C LEU B 23 -12.10 -23.46 -22.02
N HIS B 24 -11.78 -22.59 -22.99
CA HIS B 24 -12.29 -22.72 -24.36
C HIS B 24 -11.94 -24.08 -24.94
N ASP B 25 -10.67 -24.46 -24.81
CA ASP B 25 -10.17 -25.75 -25.31
C ASP B 25 -10.84 -26.94 -24.62
N SER B 26 -11.38 -26.73 -23.41
CA SER B 26 -12.07 -27.79 -22.66
C SER B 26 -13.56 -27.85 -23.01
N GLY B 27 -14.04 -26.90 -23.80
CA GLY B 27 -15.41 -26.94 -24.29
C GLY B 27 -16.37 -25.99 -23.61
N LEU B 28 -15.85 -25.12 -22.75
CA LEU B 28 -16.70 -24.16 -22.05
C LEU B 28 -16.83 -22.88 -22.86
N ASN B 29 -17.95 -22.19 -22.67
CA ASN B 29 -18.17 -20.89 -23.27
C ASN B 29 -17.56 -19.79 -22.41
N VAL B 30 -16.55 -19.14 -22.94
CA VAL B 30 -15.83 -18.11 -22.19
C VAL B 30 -15.96 -16.74 -22.84
N VAL B 31 -15.91 -15.71 -22.02
CA VAL B 31 -15.84 -14.33 -22.49
C VAL B 31 -14.70 -13.65 -21.73
N VAL B 32 -13.88 -12.88 -22.45
CA VAL B 32 -12.82 -12.10 -21.83
C VAL B 32 -13.22 -10.63 -21.85
N LEU B 33 -13.31 -10.03 -20.68
CA LEU B 33 -13.64 -8.61 -20.59
C LEU B 33 -12.36 -7.84 -20.32
N GLU B 34 -11.92 -7.07 -21.32
CA GLU B 34 -10.67 -6.33 -21.26
C GLU B 34 -10.91 -4.82 -21.24
N ALA B 35 -10.33 -4.14 -20.25
CA ALA B 35 -10.55 -2.70 -20.07
C ALA B 35 -10.00 -1.84 -21.21
N ARG B 36 -8.83 -2.22 -21.72
CA ARG B 36 -8.16 -1.44 -22.77
C ARG B 36 -8.70 -1.74 -24.16
N ASP B 37 -8.26 -0.94 -25.14
CA ASP B 37 -8.55 -1.17 -26.55
C ASP B 37 -7.57 -2.15 -27.17
N ARG B 38 -6.84 -2.88 -26.32
CA ARG B 38 -5.90 -3.90 -26.76
C ARG B 38 -5.78 -4.99 -25.72
N VAL B 39 -5.29 -6.16 -26.13
CA VAL B 39 -4.95 -7.22 -25.18
C VAL B 39 -3.45 -7.11 -24.82
N GLY B 40 -3.02 -7.91 -23.85
CA GLY B 40 -1.59 -8.01 -23.53
C GLY B 40 -1.21 -7.41 -22.18
N GLY B 41 -1.94 -6.39 -21.76
CA GLY B 41 -1.73 -5.80 -20.43
C GLY B 41 -0.33 -5.24 -20.23
N ARG B 42 0.43 -5.87 -19.32
CA ARG B 42 1.80 -5.42 -19.04
C ARG B 42 2.81 -5.88 -20.10
N THR B 43 2.34 -6.63 -21.08
CA THR B 43 3.08 -6.80 -22.32
C THR B 43 2.44 -5.89 -23.37
N TYR B 44 3.30 -5.25 -24.16
CA TYR B 44 2.86 -4.36 -25.23
C TYR B 44 3.97 -4.30 -26.27
N THR B 45 3.67 -4.76 -27.48
CA THR B 45 4.62 -4.71 -28.58
C THR B 45 4.19 -3.62 -29.56
N LEU B 46 5.03 -2.60 -29.69
CA LEU B 46 4.77 -1.50 -30.62
C LEU B 46 5.39 -1.82 -31.95
N ARG B 47 4.63 -1.60 -33.03
CA ARG B 47 5.16 -1.78 -34.38
C ARG B 47 5.17 -0.48 -35.13
N ASN B 48 6.31 -0.16 -35.72
CA ASN B 48 6.43 0.93 -36.66
C ASN B 48 7.63 0.71 -37.52
N GLN B 49 7.77 1.58 -38.50
CA GLN B 49 8.81 1.51 -39.48
C GLN B 49 10.21 1.54 -38.90
N LYS B 50 10.40 2.41 -37.92
CA LYS B 50 11.73 2.71 -37.43
C LYS B 50 12.28 1.56 -36.59
N VAL B 51 11.39 0.84 -35.91
CA VAL B 51 11.80 -0.20 -34.97
C VAL B 51 11.47 -1.61 -35.44
N LYS B 52 10.62 -1.70 -36.47
CA LYS B 52 9.94 -2.93 -36.89
C LYS B 52 8.95 -3.37 -35.81
N TYR B 53 9.48 -3.89 -34.70
CA TYR B 53 8.69 -4.16 -33.50
C TYR B 53 9.56 -3.91 -32.26
N VAL B 54 8.94 -3.50 -31.15
CA VAL B 54 9.67 -3.38 -29.89
C VAL B 54 8.76 -3.70 -28.72
N ASP B 55 9.27 -4.49 -27.78
CA ASP B 55 8.55 -4.76 -26.53
C ASP B 55 8.73 -3.60 -25.58
N LEU B 56 7.65 -2.90 -25.29
CA LEU B 56 7.69 -1.77 -24.34
C LEU B 56 7.32 -2.22 -22.93
N GLY B 57 6.72 -3.40 -22.81
CA GLY B 57 6.48 -4.05 -21.52
C GLY B 57 7.32 -5.33 -21.39
N GLY B 58 6.73 -6.35 -20.78
CA GLY B 58 7.39 -7.65 -20.59
C GLY B 58 7.97 -8.20 -21.89
N SER B 59 9.19 -8.70 -21.83
CA SER B 59 9.88 -9.13 -23.05
C SER B 59 10.63 -10.45 -22.94
N TYR B 60 11.37 -10.62 -21.84
CA TYR B 60 12.35 -11.69 -21.70
C TYR B 60 11.76 -12.97 -21.17
N VAL B 61 12.22 -14.07 -21.74
CA VAL B 61 11.95 -15.42 -21.24
C VAL B 61 13.25 -16.19 -21.17
N GLY B 62 13.26 -17.26 -20.39
CA GLY B 62 14.50 -17.99 -20.18
C GLY B 62 14.27 -19.39 -19.67
N PRO B 63 15.37 -20.15 -19.49
CA PRO B 63 15.30 -21.52 -18.99
C PRO B 63 14.53 -21.61 -17.67
N THR B 64 13.79 -22.71 -17.53
CA THR B 64 12.87 -23.00 -16.40
C THR B 64 11.51 -22.32 -16.51
N GLN B 65 11.34 -21.44 -17.48
CA GLN B 65 10.03 -20.82 -17.72
C GLN B 65 9.28 -21.62 -18.78
N ASN B 66 8.98 -22.87 -18.45
CA ASN B 66 8.49 -23.82 -19.43
C ASN B 66 7.06 -23.60 -19.92
N ARG B 67 6.22 -23.00 -19.08
CA ARG B 67 4.83 -22.76 -19.43
C ARG B 67 4.67 -21.68 -20.51
N ILE B 68 5.34 -20.54 -20.32
CA ILE B 68 5.26 -19.48 -21.33
C ILE B 68 5.89 -19.95 -22.65
N LEU B 69 6.97 -20.71 -22.55
CA LEU B 69 7.65 -21.25 -23.73
C LEU B 69 6.74 -22.21 -24.49
N ARG B 70 6.02 -23.05 -23.77
CA ARG B 70 5.12 -24.04 -24.38
C ARG B 70 3.91 -23.36 -25.04
N LEU B 71 3.33 -22.40 -24.33
CA LEU B 71 2.21 -21.64 -24.85
C LEU B 71 2.59 -20.86 -26.10
N ALA B 72 3.71 -20.16 -26.04
CA ALA B 72 4.19 -19.40 -27.19
C ALA B 72 4.46 -20.31 -28.39
N LYS B 73 5.10 -21.44 -28.15
CA LYS B 73 5.41 -22.40 -29.21
C LYS B 73 4.13 -22.88 -29.90
N GLU B 74 3.14 -23.24 -29.09
CA GLU B 74 1.85 -23.68 -29.61
C GLU B 74 1.21 -22.63 -30.50
N LEU B 75 1.39 -21.36 -30.15
CA LEU B 75 0.86 -20.24 -30.92
C LEU B 75 1.71 -19.90 -32.15
N GLY B 76 2.80 -20.63 -32.35
CA GLY B 76 3.62 -20.47 -33.56
C GLY B 76 4.73 -19.44 -33.41
N LEU B 77 5.06 -19.09 -32.17
CA LEU B 77 6.14 -18.13 -31.90
C LEU B 77 7.50 -18.83 -31.71
N GLU B 78 8.57 -18.07 -31.96
CA GLU B 78 9.95 -18.54 -31.80
C GLU B 78 10.68 -17.56 -30.92
N THR B 79 11.76 -18.00 -30.30
CA THR B 79 12.61 -17.11 -29.51
C THR B 79 13.96 -16.90 -30.19
N TYR B 80 14.67 -15.87 -29.76
CA TYR B 80 16.07 -15.71 -30.08
C TYR B 80 16.79 -15.24 -28.83
N LYS B 81 18.11 -15.42 -28.83
CA LYS B 81 18.91 -15.12 -27.64
C LYS B 81 19.30 -13.65 -27.60
N VAL B 82 19.13 -13.05 -26.43
CA VAL B 82 19.62 -11.70 -26.14
C VAL B 82 21.15 -11.72 -26.28
N ASN B 83 21.71 -10.70 -26.91
CA ASN B 83 23.16 -10.71 -27.14
C ASN B 83 23.95 -10.67 -25.84
N GLU B 84 24.71 -11.74 -25.58
CA GLU B 84 25.67 -11.75 -24.47
C GLU B 84 27.00 -12.39 -24.88
N VAL B 85 27.35 -12.23 -26.16
CA VAL B 85 28.58 -12.79 -26.69
C VAL B 85 29.82 -12.08 -26.10
N GLU B 86 29.78 -10.75 -26.10
CA GLU B 86 30.92 -9.96 -25.66
C GLU B 86 30.85 -9.63 -24.16
N ARG B 87 31.69 -8.69 -23.70
CA ARG B 87 31.79 -8.42 -22.26
C ARG B 87 30.65 -7.56 -21.71
N LEU B 88 30.23 -7.90 -20.51
CA LEU B 88 29.33 -7.06 -19.74
C LEU B 88 30.14 -5.91 -19.13
N ILE B 89 29.45 -4.85 -18.72
CA ILE B 89 30.12 -3.73 -18.07
C ILE B 89 29.51 -3.44 -16.69
N HIS B 90 30.36 -3.32 -15.68
CA HIS B 90 29.94 -2.78 -14.40
C HIS B 90 30.56 -1.38 -14.30
N HIS B 91 29.70 -0.38 -14.21
CA HIS B 91 30.15 1.01 -14.14
C HIS B 91 30.01 1.47 -12.69
N VAL B 92 31.15 1.77 -12.09
CA VAL B 92 31.21 2.03 -10.65
C VAL B 92 32.11 3.23 -10.39
N LYS B 93 31.60 4.18 -9.61
CA LYS B 93 32.30 5.44 -9.31
C LYS B 93 32.93 6.07 -10.56
N GLY B 94 32.12 6.18 -11.60
CA GLY B 94 32.49 6.91 -12.80
C GLY B 94 33.43 6.18 -13.73
N LYS B 95 33.57 4.88 -13.52
CA LYS B 95 34.51 4.08 -14.30
C LYS B 95 33.92 2.75 -14.73
N SER B 96 34.18 2.34 -15.98
CA SER B 96 33.66 1.08 -16.51
C SER B 96 34.62 -0.08 -16.33
N TYR B 97 34.10 -1.20 -15.83
CA TYR B 97 34.88 -2.40 -15.59
C TYR B 97 34.26 -3.56 -16.37
N PRO B 98 34.84 -3.91 -17.51
CA PRO B 98 34.30 -4.99 -18.32
C PRO B 98 34.50 -6.35 -17.65
N PHE B 99 33.54 -7.25 -17.83
CA PHE B 99 33.62 -8.57 -17.21
C PHE B 99 32.81 -9.63 -17.96
N ARG B 100 33.04 -10.88 -17.57
CA ARG B 100 32.29 -12.01 -18.10
C ARG B 100 31.71 -12.81 -16.94
N GLY B 101 30.66 -13.57 -17.21
CA GLY B 101 29.92 -14.27 -16.15
C GLY B 101 28.79 -13.38 -15.67
N PRO B 102 27.87 -13.93 -14.85
CA PRO B 102 26.67 -13.20 -14.44
C PRO B 102 26.85 -12.04 -13.45
N PHE B 103 27.84 -12.15 -12.56
CA PHE B 103 28.01 -11.15 -11.50
C PHE B 103 29.34 -10.42 -11.66
N PRO B 104 29.36 -9.09 -11.43
CA PRO B 104 30.61 -8.36 -11.63
C PRO B 104 31.63 -8.80 -10.60
N PRO B 105 32.87 -9.07 -11.05
CA PRO B 105 33.96 -9.52 -10.19
C PRO B 105 34.41 -8.43 -9.23
N VAL B 106 34.91 -8.86 -8.08
CA VAL B 106 35.40 -7.98 -7.04
C VAL B 106 36.83 -8.42 -6.72
N TRP B 107 37.73 -7.47 -6.53
CA TRP B 107 39.15 -7.79 -6.32
C TRP B 107 39.68 -7.62 -4.89
N ASN B 108 39.26 -6.53 -4.22
CA ASN B 108 39.56 -6.35 -2.79
C ASN B 108 39.05 -7.56 -2.00
N PRO B 109 39.92 -8.18 -1.18
CA PRO B 109 39.62 -9.47 -0.55
C PRO B 109 38.43 -9.43 0.41
N ILE B 110 38.37 -8.36 1.21
CA ILE B 110 37.29 -8.18 2.17
C ILE B 110 35.97 -7.96 1.42
N THR B 111 36.05 -7.14 0.38
CA THR B 111 34.90 -6.88 -0.49
C THR B 111 34.45 -8.16 -1.20
N TYR B 112 35.40 -8.98 -1.65
CA TYR B 112 35.06 -10.28 -2.25
C TYR B 112 34.26 -11.15 -1.28
N LEU B 113 34.72 -11.23 -0.03
CA LEU B 113 34.01 -12.03 0.98
C LEU B 113 32.60 -11.48 1.22
N ASP B 114 32.49 -10.14 1.22
CA ASP B 114 31.21 -9.49 1.49
C ASP B 114 30.21 -9.75 0.37
N HIS B 115 30.64 -9.56 -0.87
CA HIS B 115 29.82 -9.87 -2.06
C HIS B 115 29.42 -11.34 -2.10
N ASN B 116 30.40 -12.23 -1.92
CA ASN B 116 30.13 -13.65 -1.93
C ASN B 116 29.08 -14.02 -0.90
N ASN B 117 29.25 -13.51 0.32
CA ASN B 117 28.30 -13.81 1.39
C ASN B 117 26.91 -13.27 1.13
N PHE B 118 26.83 -12.11 0.48
CA PHE B 118 25.53 -11.51 0.25
C PHE B 118 24.64 -12.40 -0.64
N TRP B 119 25.15 -12.76 -1.82
CA TRP B 119 24.39 -13.60 -2.74
C TRP B 119 24.07 -14.95 -2.11
N ARG B 120 25.06 -15.54 -1.46
CA ARG B 120 24.92 -16.83 -0.79
C ARG B 120 23.85 -16.79 0.27
N THR B 121 23.86 -15.73 1.08
CA THR B 121 22.91 -15.58 2.18
C THR B 121 21.48 -15.41 1.66
N MET B 122 21.31 -14.63 0.60
CA MET B 122 20.00 -14.47 -0.05
C MET B 122 19.41 -15.83 -0.42
N ASP B 123 20.24 -16.68 -1.04
CA ASP B 123 19.81 -18.00 -1.43
C ASP B 123 19.61 -18.94 -0.23
N ASP B 124 20.50 -18.85 0.77
CA ASP B 124 20.35 -19.63 2.02
C ASP B 124 19.00 -19.34 2.70
N MET B 125 18.68 -18.06 2.81
CA MET B 125 17.43 -17.63 3.43
C MET B 125 16.24 -18.12 2.60
N GLY B 126 16.38 -18.02 1.27
CA GLY B 126 15.33 -18.47 0.36
C GLY B 126 14.96 -19.94 0.52
N ARG B 127 15.94 -20.77 0.84
CA ARG B 127 15.70 -22.20 1.02
C ARG B 127 14.74 -22.52 2.16
N GLU B 128 14.56 -21.58 3.07
CA GLU B 128 13.64 -21.76 4.21
C GLU B 128 12.23 -21.23 3.91
N ILE B 129 12.04 -20.72 2.69
CA ILE B 129 10.77 -20.09 2.33
C ILE B 129 10.01 -20.95 1.33
N PRO B 130 8.88 -21.55 1.76
CA PRO B 130 8.08 -22.33 0.80
C PRO B 130 7.54 -21.46 -0.33
N SER B 131 7.72 -21.92 -1.57
CA SER B 131 7.26 -21.16 -2.75
C SER B 131 5.77 -20.89 -2.73
N ASP B 132 4.99 -21.89 -2.30
CA ASP B 132 3.54 -21.79 -2.30
C ASP B 132 2.96 -21.24 -1.00
N ALA B 133 3.81 -20.88 -0.04
CA ALA B 133 3.37 -20.38 1.27
C ALA B 133 4.52 -19.70 2.02
N PRO B 134 4.99 -18.55 1.49
CA PRO B 134 6.12 -17.87 2.14
C PRO B 134 5.85 -17.49 3.59
N TRP B 135 4.60 -17.23 3.95
CA TRP B 135 4.21 -16.96 5.36
C TRP B 135 4.46 -18.15 6.29
N LYS B 136 4.79 -19.31 5.73
CA LYS B 136 5.11 -20.51 6.53
C LYS B 136 6.61 -20.68 6.77
N ALA B 137 7.42 -19.74 6.31
CA ALA B 137 8.84 -19.75 6.61
C ALA B 137 9.00 -19.73 8.15
N PRO B 138 9.97 -20.50 8.68
CA PRO B 138 10.19 -20.53 10.14
C PRO B 138 10.34 -19.13 10.74
N LEU B 139 11.03 -18.24 10.05
CA LEU B 139 11.22 -16.86 10.52
C LEU B 139 10.37 -15.84 9.74
N ALA B 140 9.20 -16.29 9.27
CA ALA B 140 8.35 -15.47 8.42
C ALA B 140 8.09 -14.08 9.00
N GLU B 141 7.69 -14.04 10.27
CA GLU B 141 7.34 -12.76 10.90
C GLU B 141 8.53 -11.84 11.08
N GLU B 142 9.64 -12.37 11.59
CA GLU B 142 10.89 -11.62 11.71
C GLU B 142 11.33 -11.02 10.37
N TRP B 143 11.31 -11.83 9.31
CA TRP B 143 11.75 -11.35 8.00
C TRP B 143 10.72 -10.42 7.34
N ASP B 144 9.44 -10.66 7.60
CA ASP B 144 8.40 -9.80 7.03
C ASP B 144 8.32 -8.43 7.69
N ASN B 145 8.81 -8.34 8.93
CA ASN B 145 8.73 -7.11 9.71
C ASN B 145 9.91 -6.18 9.51
N MET B 146 10.79 -6.55 8.58
CA MET B 146 11.92 -5.69 8.21
C MET B 146 11.91 -5.45 6.70
N THR B 147 12.41 -4.29 6.29
CA THR B 147 12.55 -3.99 4.86
C THR B 147 13.84 -4.60 4.32
N MET B 148 13.95 -4.68 2.99
CA MET B 148 15.19 -5.13 2.39
C MET B 148 16.34 -4.17 2.75
N LYS B 149 16.03 -2.90 2.96
CA LYS B 149 17.06 -1.94 3.38
C LYS B 149 17.68 -2.35 4.71
N GLU B 150 16.84 -2.68 5.69
CA GLU B 150 17.34 -3.15 6.99
C GLU B 150 18.18 -4.41 6.85
N LEU B 151 17.72 -5.35 6.02
CA LEU B 151 18.46 -6.60 5.81
C LEU B 151 19.85 -6.32 5.21
N LEU B 152 19.88 -5.48 4.18
CA LEU B 152 21.14 -5.13 3.51
C LEU B 152 22.08 -4.40 4.48
N ASP B 153 21.53 -3.50 5.28
CA ASP B 153 22.31 -2.79 6.31
C ASP B 153 22.97 -3.74 7.31
N LYS B 154 22.26 -4.82 7.65
CA LYS B 154 22.80 -5.88 8.52
C LYS B 154 23.85 -6.74 7.82
N LEU B 155 23.56 -7.17 6.59
CA LEU B 155 24.38 -8.17 5.89
C LEU B 155 25.63 -7.61 5.22
N CYS B 156 25.53 -6.40 4.68
CA CYS B 156 26.61 -5.86 3.87
C CYS B 156 27.59 -5.05 4.69
N TRP B 157 28.80 -5.58 4.85
CA TRP B 157 29.85 -4.90 5.60
C TRP B 157 30.64 -3.92 4.74
N THR B 158 30.41 -3.94 3.42
CA THR B 158 31.05 -2.98 2.51
C THR B 158 30.00 -2.19 1.75
N GLU B 159 30.33 -0.94 1.43
CA GLU B 159 29.48 -0.10 0.59
C GLU B 159 29.35 -0.66 -0.81
N SER B 160 30.44 -1.25 -1.31
CA SER B 160 30.45 -1.92 -2.61
C SER B 160 29.32 -2.96 -2.71
N ALA B 161 29.25 -3.87 -1.75
CA ALA B 161 28.23 -4.91 -1.75
C ALA B 161 26.85 -4.29 -1.61
N LYS B 162 26.71 -3.32 -0.70
CA LYS B 162 25.41 -2.69 -0.44
C LYS B 162 24.89 -1.98 -1.69
N GLN B 163 25.77 -1.30 -2.42
CA GLN B 163 25.40 -0.62 -3.65
C GLN B 163 24.92 -1.58 -4.74
N LEU B 164 25.64 -2.69 -4.93
CA LEU B 164 25.22 -3.70 -5.89
C LEU B 164 23.92 -4.40 -5.47
N ALA B 165 23.82 -4.73 -4.18
CA ALA B 165 22.62 -5.36 -3.63
C ALA B 165 21.40 -4.48 -3.80
N THR B 166 21.59 -3.18 -3.61
CA THR B 166 20.51 -2.20 -3.78
C THR B 166 20.04 -2.17 -5.24
N LEU B 167 20.99 -2.11 -6.17
CA LEU B 167 20.69 -2.15 -7.59
C LEU B 167 19.92 -3.43 -7.92
N PHE B 168 20.38 -4.55 -7.37
CA PHE B 168 19.74 -5.87 -7.59
C PHE B 168 18.27 -5.84 -7.18
N VAL B 169 17.98 -5.28 -6.01
CA VAL B 169 16.59 -5.13 -5.56
C VAL B 169 15.80 -4.23 -6.52
N ASN B 170 16.35 -3.04 -6.80
CA ASN B 170 15.70 -2.06 -7.67
C ASN B 170 15.36 -2.67 -9.03
N LEU B 171 16.28 -3.46 -9.56
CA LEU B 171 16.13 -4.07 -10.88
C LEU B 171 15.13 -5.22 -10.88
N CYS B 172 15.19 -6.07 -9.85
CA CYS B 172 14.30 -7.24 -9.80
C CYS B 172 12.84 -6.87 -9.59
N VAL B 173 12.59 -5.88 -8.75
CA VAL B 173 11.21 -5.60 -8.31
C VAL B 173 10.77 -4.14 -8.45
N THR B 174 11.57 -3.37 -9.19
CA THR B 174 11.30 -1.95 -9.51
C THR B 174 10.82 -1.14 -8.30
N ALA B 175 11.47 -1.39 -7.17
CA ALA B 175 11.10 -0.72 -5.94
C ALA B 175 12.36 -0.51 -5.11
N GLU B 176 12.27 0.45 -4.18
CA GLU B 176 13.38 0.78 -3.30
C GLU B 176 13.51 -0.29 -2.21
N THR B 177 14.72 -0.50 -1.73
CA THR B 177 14.97 -1.50 -0.71
C THR B 177 14.15 -1.21 0.56
N HIS B 178 13.93 0.06 0.85
CA HIS B 178 13.15 0.46 2.03
C HIS B 178 11.65 0.33 1.83
N GLU B 179 11.21 0.12 0.59
CA GLU B 179 9.77 -0.01 0.30
C GLU B 179 9.24 -1.43 0.52
N VAL B 180 10.13 -2.42 0.43
CA VAL B 180 9.70 -3.82 0.32
C VAL B 180 10.07 -4.68 1.55
N SER B 181 9.18 -5.62 1.88
CA SER B 181 9.44 -6.63 2.89
C SER B 181 10.62 -7.53 2.52
N ALA B 182 11.48 -7.82 3.50
CA ALA B 182 12.58 -8.74 3.28
C ALA B 182 12.06 -10.15 2.97
N LEU B 183 11.07 -10.61 3.73
CA LEU B 183 10.47 -11.93 3.48
C LEU B 183 9.93 -12.01 2.06
N TRP B 184 9.18 -11.00 1.65
CA TRP B 184 8.60 -11.03 0.31
C TRP B 184 9.70 -11.04 -0.75
N PHE B 185 10.71 -10.19 -0.61
CA PHE B 185 11.77 -10.14 -1.62
C PHE B 185 12.56 -11.44 -1.70
N LEU B 186 12.89 -12.02 -0.55
CA LEU B 186 13.59 -13.30 -0.50
C LEU B 186 12.75 -14.41 -1.13
N TRP B 187 11.45 -14.40 -0.88
CA TRP B 187 10.54 -15.33 -1.57
C TRP B 187 10.58 -15.09 -3.07
N TYR B 188 10.52 -13.81 -3.48
CA TYR B 188 10.45 -13.46 -4.89
C TYR B 188 11.63 -14.02 -5.66
N VAL B 189 12.82 -13.88 -5.07
CA VAL B 189 14.04 -14.39 -5.70
C VAL B 189 14.06 -15.90 -5.73
N LYS B 190 13.72 -16.51 -4.59
CA LYS B 190 13.73 -17.97 -4.46
C LYS B 190 12.77 -18.62 -5.45
N GLN B 191 11.60 -18.02 -5.64
CA GLN B 191 10.56 -18.60 -6.52
C GLN B 191 10.87 -18.42 -8.01
N CYS B 192 11.91 -17.64 -8.32
CA CYS B 192 12.49 -17.58 -9.67
C CYS B 192 13.70 -18.51 -9.83
N GLY B 193 14.02 -19.28 -8.79
CA GLY B 193 15.15 -20.21 -8.86
C GLY B 193 16.45 -19.71 -8.26
N GLY B 194 16.42 -18.54 -7.61
CA GLY B 194 17.58 -18.03 -6.89
C GLY B 194 18.29 -16.88 -7.58
N THR B 195 19.33 -16.37 -6.92
CA THR B 195 19.99 -15.13 -7.36
C THR B 195 20.60 -15.28 -8.75
N THR B 196 21.31 -16.38 -9.00
CA THR B 196 21.93 -16.59 -10.32
C THR B 196 20.88 -16.68 -11.44
N ARG B 197 19.85 -17.48 -11.22
CA ARG B 197 18.82 -17.66 -12.25
C ARG B 197 18.09 -16.36 -12.58
N ILE B 198 17.72 -15.60 -11.54
CA ILE B 198 16.97 -14.35 -11.77
C ILE B 198 17.81 -13.26 -12.43
N PHE B 199 19.11 -13.25 -12.14
CA PHE B 199 19.98 -12.14 -12.56
C PHE B 199 20.70 -12.43 -13.88
N SER B 200 20.72 -13.69 -14.29
CA SER B 200 21.47 -14.08 -15.49
C SER B 200 20.72 -13.84 -16.79
N THR B 201 21.48 -13.47 -17.81
CA THR B 201 21.00 -13.47 -19.18
C THR B 201 21.20 -14.90 -19.69
N THR B 202 22.43 -15.26 -20.08
CA THR B 202 22.73 -16.66 -20.41
C THR B 202 22.36 -17.55 -19.21
N ASN B 203 21.51 -18.54 -19.47
CA ASN B 203 21.02 -19.50 -18.47
C ASN B 203 20.14 -18.89 -17.39
N GLY B 204 19.53 -17.73 -17.67
CA GLY B 204 18.65 -17.11 -16.70
C GLY B 204 17.42 -16.44 -17.30
N GLY B 205 16.74 -15.64 -16.48
CA GLY B 205 15.47 -15.03 -16.90
C GLY B 205 15.53 -14.12 -18.12
N GLN B 206 16.70 -13.56 -18.42
CA GLN B 206 16.83 -12.63 -19.54
C GLN B 206 17.44 -13.26 -20.78
N GLU B 207 17.40 -14.59 -20.88
CA GLU B 207 18.15 -15.26 -21.96
C GLU B 207 17.62 -14.93 -23.35
N ARG B 208 16.30 -14.84 -23.47
CA ARG B 208 15.65 -14.79 -24.77
C ARG B 208 14.52 -13.78 -24.87
N LYS B 209 14.18 -13.42 -26.11
CA LYS B 209 12.98 -12.65 -26.42
C LYS B 209 12.23 -13.39 -27.52
N PHE B 210 10.96 -13.05 -27.71
CA PHE B 210 10.17 -13.61 -28.80
C PHE B 210 10.38 -12.84 -30.08
N VAL B 211 10.62 -13.58 -31.17
CA VAL B 211 10.67 -12.98 -32.49
C VAL B 211 9.32 -12.35 -32.78
N GLY B 212 9.32 -11.05 -33.07
CA GLY B 212 8.08 -10.31 -33.34
C GLY B 212 7.40 -9.71 -32.11
N GLY B 213 7.90 -10.04 -30.92
CA GLY B 213 7.41 -9.43 -29.69
C GLY B 213 6.51 -10.33 -28.86
N SER B 214 6.52 -10.12 -27.55
CA SER B 214 5.73 -10.93 -26.62
C SER B 214 4.24 -10.64 -26.68
N GLY B 215 3.88 -9.45 -27.19
CA GLY B 215 2.48 -9.06 -27.34
C GLY B 215 1.70 -10.05 -28.20
N GLN B 216 2.43 -10.76 -29.06
CA GLN B 216 1.87 -11.80 -29.93
C GLN B 216 1.22 -12.94 -29.16
N VAL B 217 1.68 -13.20 -27.94
CA VAL B 217 1.07 -14.27 -27.14
C VAL B 217 -0.41 -13.94 -26.89
N SER B 218 -0.69 -12.75 -26.37
CA SER B 218 -2.05 -12.37 -26.06
C SER B 218 -2.86 -12.14 -27.33
N GLU B 219 -2.21 -11.55 -28.35
CA GLU B 219 -2.87 -11.27 -29.63
C GLU B 219 -3.32 -12.55 -30.31
N ARG B 220 -2.47 -13.56 -30.32
CA ARG B 220 -2.78 -14.81 -31.03
C ARG B 220 -3.85 -15.62 -30.32
N ILE B 221 -3.89 -15.54 -28.99
CA ILE B 221 -4.99 -16.15 -28.24
C ILE B 221 -6.30 -15.41 -28.53
N MET B 222 -6.23 -14.08 -28.65
CA MET B 222 -7.41 -13.31 -29.04
C MET B 222 -7.91 -13.73 -30.43
N ASP B 223 -6.98 -13.98 -31.34
CA ASP B 223 -7.33 -14.48 -32.68
C ASP B 223 -8.10 -15.80 -32.59
N LEU B 224 -7.63 -16.70 -31.73
CA LEU B 224 -8.28 -17.99 -31.50
C LEU B 224 -9.68 -17.85 -30.90
N LEU B 225 -9.84 -16.88 -30.00
CA LEU B 225 -11.09 -16.76 -29.27
C LEU B 225 -12.14 -15.96 -30.03
N GLY B 226 -11.70 -15.20 -31.03
CA GLY B 226 -12.59 -14.39 -31.87
C GLY B 226 -13.35 -13.33 -31.10
N ASP B 227 -14.66 -13.32 -31.27
CA ASP B 227 -15.47 -12.27 -30.66
C ASP B 227 -15.77 -12.51 -29.19
N ARG B 228 -15.18 -13.55 -28.60
CA ARG B 228 -15.29 -13.83 -27.17
C ARG B 228 -14.49 -12.81 -26.34
N VAL B 229 -13.52 -12.16 -26.97
CA VAL B 229 -12.76 -11.09 -26.33
C VAL B 229 -13.42 -9.74 -26.58
N LYS B 230 -13.79 -9.07 -25.49
CA LYS B 230 -14.49 -7.81 -25.54
C LYS B 230 -13.55 -6.69 -25.08
N LEU B 231 -13.10 -5.87 -26.03
CA LEU B 231 -12.18 -4.78 -25.74
C LEU B 231 -12.94 -3.54 -25.29
N GLU B 232 -12.28 -2.69 -24.50
CA GLU B 232 -12.90 -1.50 -23.92
C GLU B 232 -14.14 -1.83 -23.06
N ARG B 233 -14.03 -2.93 -22.32
CA ARG B 233 -15.03 -3.35 -21.35
C ARG B 233 -14.41 -3.41 -19.95
N PRO B 234 -14.13 -2.24 -19.34
CA PRO B 234 -13.64 -2.28 -17.97
C PRO B 234 -14.75 -2.79 -17.07
N VAL B 235 -14.43 -3.78 -16.23
CA VAL B 235 -15.39 -4.32 -15.27
C VAL B 235 -15.48 -3.38 -14.08
N ILE B 236 -16.73 -3.05 -13.72
CA ILE B 236 -17.01 -2.11 -12.63
C ILE B 236 -17.75 -2.76 -11.45
N TYR B 237 -18.35 -3.92 -11.69
CA TYR B 237 -19.29 -4.49 -10.72
C TYR B 237 -19.43 -5.99 -10.89
N ILE B 238 -19.31 -6.70 -9.76
CA ILE B 238 -19.53 -8.15 -9.74
C ILE B 238 -20.53 -8.47 -8.63
N ASP B 239 -21.60 -9.15 -9.02
CA ASP B 239 -22.71 -9.45 -8.12
C ASP B 239 -22.84 -10.97 -8.03
N GLN B 240 -22.65 -11.49 -6.82
CA GLN B 240 -22.75 -12.93 -6.59
C GLN B 240 -23.91 -13.31 -5.69
N THR B 241 -24.90 -12.45 -5.57
CA THR B 241 -26.01 -12.67 -4.65
C THR B 241 -27.06 -13.61 -5.24
N ARG B 242 -26.99 -13.84 -6.56
CA ARG B 242 -27.98 -14.66 -7.26
C ARG B 242 -27.37 -15.97 -7.77
N GLU B 243 -28.20 -16.78 -8.44
CA GLU B 243 -27.79 -18.10 -8.90
C GLU B 243 -26.62 -18.08 -9.88
N ASN B 244 -26.65 -17.14 -10.81
CA ASN B 244 -25.54 -16.90 -11.73
C ASN B 244 -24.83 -15.60 -11.37
N VAL B 245 -23.51 -15.57 -11.54
CA VAL B 245 -22.73 -14.36 -11.24
C VAL B 245 -23.00 -13.32 -12.32
N LEU B 246 -23.20 -12.07 -11.88
CA LEU B 246 -23.43 -10.98 -12.81
C LEU B 246 -22.21 -10.07 -12.84
N VAL B 247 -21.69 -9.83 -14.04
CA VAL B 247 -20.54 -8.96 -14.23
C VAL B 247 -20.92 -7.78 -15.12
N GLU B 248 -20.78 -6.58 -14.57
CA GLU B 248 -21.11 -5.37 -15.32
C GLU B 248 -19.86 -4.58 -15.74
N THR B 249 -19.92 -4.03 -16.95
CA THR B 249 -18.84 -3.22 -17.50
C THR B 249 -19.18 -1.72 -17.51
N LEU B 250 -18.15 -0.89 -17.66
CA LEU B 250 -18.28 0.56 -17.65
C LEU B 250 -19.17 1.06 -18.81
N ASN B 251 -19.04 0.42 -19.97
CA ASN B 251 -19.82 0.75 -21.16
C ASN B 251 -21.23 0.16 -21.14
N HIS B 252 -21.72 -0.16 -19.95
CA HIS B 252 -23.13 -0.50 -19.73
C HIS B 252 -23.57 -1.82 -20.35
N GLU B 253 -22.74 -2.85 -20.21
CA GLU B 253 -23.11 -4.20 -20.63
C GLU B 253 -23.13 -5.11 -19.41
N MET B 254 -23.97 -6.15 -19.47
CA MET B 254 -24.05 -7.14 -18.39
C MET B 254 -23.72 -8.52 -18.91
N TYR B 255 -22.88 -9.23 -18.17
CA TYR B 255 -22.50 -10.59 -18.50
C TYR B 255 -22.88 -11.50 -17.36
N GLU B 256 -23.39 -12.68 -17.72
CA GLU B 256 -23.85 -13.65 -16.74
C GLU B 256 -23.05 -14.92 -16.91
N ALA B 257 -22.54 -15.45 -15.81
CA ALA B 257 -21.69 -16.64 -15.85
C ALA B 257 -21.82 -17.49 -14.60
N LYS B 258 -21.35 -18.73 -14.69
CA LYS B 258 -21.33 -19.64 -13.56
C LYS B 258 -20.16 -19.30 -12.63
N TYR B 259 -19.05 -18.87 -13.22
CA TYR B 259 -17.83 -18.53 -12.47
C TYR B 259 -17.12 -17.34 -13.10
N VAL B 260 -16.24 -16.71 -12.31
CA VAL B 260 -15.44 -15.59 -12.79
C VAL B 260 -13.98 -15.86 -12.47
N ILE B 261 -13.10 -15.50 -13.41
CA ILE B 261 -11.67 -15.46 -13.11
C ILE B 261 -11.24 -13.99 -13.10
N SER B 262 -10.67 -13.56 -11.99
CA SER B 262 -10.07 -12.24 -11.89
C SER B 262 -8.60 -12.38 -12.30
N ALA B 263 -8.26 -11.86 -13.48
CA ALA B 263 -6.90 -11.99 -13.98
C ALA B 263 -6.23 -10.61 -14.08
N ILE B 264 -6.44 -9.80 -13.04
CA ILE B 264 -5.92 -8.45 -13.00
C ILE B 264 -5.00 -8.33 -11.78
N PRO B 265 -4.05 -7.35 -11.80
CA PRO B 265 -3.22 -7.13 -10.62
C PRO B 265 -4.09 -7.03 -9.38
N PRO B 266 -3.66 -7.64 -8.26
CA PRO B 266 -4.51 -7.68 -7.06
C PRO B 266 -5.11 -6.33 -6.69
N THR B 267 -4.30 -5.27 -6.68
CA THR B 267 -4.82 -3.96 -6.25
C THR B 267 -5.88 -3.40 -7.20
N LEU B 268 -5.84 -3.79 -8.47
CA LEU B 268 -6.83 -3.31 -9.45
C LEU B 268 -8.22 -3.90 -9.22
N GLY B 269 -8.30 -4.90 -8.34
CA GLY B 269 -9.58 -5.38 -7.82
C GLY B 269 -10.37 -4.26 -7.15
N MET B 270 -9.66 -3.23 -6.70
CA MET B 270 -10.29 -2.05 -6.11
C MET B 270 -11.22 -1.30 -7.08
N LYS B 271 -10.95 -1.42 -8.37
CA LYS B 271 -11.76 -0.73 -9.39
C LYS B 271 -13.13 -1.38 -9.60
N ILE B 272 -13.37 -2.49 -8.92
CA ILE B 272 -14.61 -3.25 -9.03
C ILE B 272 -15.40 -3.14 -7.72
N HIS B 273 -16.68 -2.81 -7.85
CA HIS B 273 -17.57 -2.75 -6.70
C HIS B 273 -18.18 -4.14 -6.52
N PHE B 274 -18.09 -4.68 -5.30
CA PHE B 274 -18.52 -6.06 -5.05
C PHE B 274 -19.82 -6.15 -4.27
N ASN B 275 -20.67 -7.07 -4.72
CA ASN B 275 -21.89 -7.43 -4.01
C ASN B 275 -22.01 -8.96 -3.93
N PRO B 276 -21.99 -9.52 -2.69
CA PRO B 276 -21.82 -8.84 -1.41
C PRO B 276 -20.40 -8.30 -1.30
N PRO B 277 -20.12 -7.47 -0.29
CA PRO B 277 -18.74 -6.96 -0.16
C PRO B 277 -17.76 -8.10 -0.02
N LEU B 278 -16.50 -7.88 -0.38
CA LEU B 278 -15.47 -8.89 -0.20
C LEU B 278 -15.29 -9.21 1.27
N PRO B 279 -14.80 -10.42 1.59
CA PRO B 279 -14.44 -10.70 2.98
C PRO B 279 -13.40 -9.70 3.45
N MET B 280 -13.37 -9.43 4.77
CA MET B 280 -12.47 -8.43 5.35
C MET B 280 -11.03 -8.53 4.87
N MET B 281 -10.47 -9.74 4.87
CA MET B 281 -9.04 -9.87 4.59
C MET B 281 -8.70 -9.45 3.17
N ARG B 282 -9.51 -9.89 2.20
CA ARG B 282 -9.27 -9.45 0.82
C ARG B 282 -9.59 -7.97 0.63
N ASN B 283 -10.65 -7.50 1.29
CA ASN B 283 -11.01 -6.08 1.24
C ASN B 283 -9.82 -5.19 1.58
N GLN B 284 -9.12 -5.52 2.66
CA GLN B 284 -7.95 -4.73 3.04
C GLN B 284 -6.70 -5.09 2.24
N MET B 285 -6.54 -6.37 1.90
CA MET B 285 -5.35 -6.79 1.13
C MET B 285 -5.16 -5.98 -0.15
N ILE B 286 -6.25 -5.75 -0.88
CA ILE B 286 -6.17 -5.10 -2.18
C ILE B 286 -5.86 -3.59 -2.12
N THR B 287 -5.75 -3.06 -0.89
CA THR B 287 -5.28 -1.70 -0.67
C THR B 287 -3.82 -1.66 -0.19
N ARG B 288 -3.19 -2.83 -0.06
CA ARG B 288 -1.88 -2.93 0.59
C ARG B 288 -0.77 -3.42 -0.34
N VAL B 289 -1.09 -3.52 -1.63
CA VAL B 289 -0.24 -4.23 -2.58
C VAL B 289 0.01 -3.43 -3.86
N PRO B 290 0.90 -2.42 -3.78
CA PRO B 290 1.19 -1.58 -4.94
C PRO B 290 2.05 -2.29 -5.96
N LEU B 291 2.10 -1.77 -7.18
CA LEU B 291 3.06 -2.24 -8.18
C LEU B 291 4.24 -1.29 -8.25
N GLY B 292 5.36 -1.80 -8.77
CA GLY B 292 6.60 -1.02 -8.86
C GLY B 292 6.55 0.06 -9.91
N SER B 293 7.66 0.78 -10.05
CA SER B 293 7.74 1.95 -10.90
C SER B 293 8.92 1.82 -11.86
N VAL B 294 8.65 1.97 -13.15
CA VAL B 294 9.67 1.81 -14.17
C VAL B 294 9.31 2.53 -15.46
N ILE B 295 10.33 3.11 -16.10
CA ILE B 295 10.22 3.55 -17.47
C ILE B 295 11.16 2.65 -18.28
N LYS B 296 10.62 1.99 -19.30
CA LYS B 296 11.42 1.17 -20.19
C LYS B 296 11.75 2.02 -21.41
N CYS B 297 13.05 2.16 -21.69
CA CYS B 297 13.54 3.08 -22.71
C CYS B 297 14.41 2.34 -23.69
N ILE B 298 14.18 2.56 -24.97
CA ILE B 298 14.97 1.90 -26.03
C ILE B 298 15.53 2.96 -26.97
N VAL B 299 16.86 3.07 -26.98
CA VAL B 299 17.59 3.99 -27.84
C VAL B 299 18.14 3.22 -29.02
N TYR B 300 17.86 3.70 -30.23
CA TYR B 300 18.23 3.04 -31.48
C TYR B 300 19.44 3.72 -32.11
N TYR B 301 20.28 2.91 -32.74
CA TYR B 301 21.50 3.40 -33.38
C TYR B 301 21.66 2.78 -34.77
N LYS B 302 22.51 3.39 -35.58
CA LYS B 302 22.78 2.89 -36.93
C LYS B 302 23.34 1.47 -36.87
N GLU B 303 24.27 1.23 -35.95
CA GLU B 303 24.90 -0.08 -35.79
C GLU B 303 25.06 -0.44 -34.31
N PRO B 304 25.18 -1.75 -33.99
CA PRO B 304 25.50 -2.14 -32.62
C PRO B 304 26.97 -1.89 -32.31
N PHE B 305 27.34 -0.62 -32.29
CA PHE B 305 28.74 -0.20 -32.24
C PHE B 305 29.51 -0.72 -31.02
N TRP B 306 28.80 -1.01 -29.94
CA TRP B 306 29.43 -1.51 -28.71
C TRP B 306 30.13 -2.85 -28.93
N ARG B 307 29.57 -3.67 -29.82
CA ARG B 307 30.16 -4.97 -30.13
C ARG B 307 31.59 -4.86 -30.68
N LYS B 308 31.86 -3.78 -31.41
CA LYS B 308 33.21 -3.53 -31.96
C LYS B 308 34.25 -3.33 -30.87
N LYS B 309 33.80 -2.90 -29.68
CA LYS B 309 34.69 -2.69 -28.53
C LYS B 309 34.67 -3.89 -27.59
N ASP B 310 34.09 -4.99 -28.07
CA ASP B 310 33.95 -6.23 -27.29
C ASP B 310 33.08 -6.02 -26.03
N TYR B 311 32.03 -5.20 -26.18
CA TYR B 311 30.99 -5.06 -25.17
C TYR B 311 29.71 -5.64 -25.75
N CYS B 312 28.96 -6.40 -24.95
CA CYS B 312 27.73 -7.01 -25.45
C CYS B 312 26.54 -6.04 -25.42
N GLY B 313 26.65 -4.99 -24.62
CA GLY B 313 25.57 -3.99 -24.48
C GLY B 313 24.93 -4.01 -23.11
N THR B 314 25.29 -5.01 -22.30
CA THR B 314 24.84 -5.08 -20.92
C THR B 314 25.66 -4.11 -20.08
N MET B 315 24.97 -3.23 -19.36
CA MET B 315 25.61 -2.28 -18.47
C MET B 315 24.90 -2.34 -17.12
N ILE B 316 25.70 -2.52 -16.07
CA ILE B 316 25.20 -2.48 -14.70
C ILE B 316 25.82 -1.21 -14.12
N ILE B 317 24.96 -0.22 -13.85
CA ILE B 317 25.41 1.14 -13.59
C ILE B 317 25.00 1.61 -12.20
N ASP B 318 25.99 1.68 -11.32
CA ASP B 318 25.79 2.11 -9.93
C ASP B 318 25.59 3.61 -9.83
N GLY B 319 24.94 4.05 -8.76
CA GLY B 319 24.96 5.46 -8.41
C GLY B 319 23.65 6.21 -8.65
N GLU B 320 23.45 7.25 -7.85
CA GLU B 320 22.24 8.06 -7.92
C GLU B 320 22.10 8.86 -9.21
N GLU B 321 23.23 9.33 -9.75
CA GLU B 321 23.20 10.26 -10.87
C GLU B 321 22.74 9.58 -12.17
N ALA B 322 23.06 8.31 -12.33
CA ALA B 322 22.72 7.59 -13.56
C ALA B 322 21.22 7.39 -13.63
N PRO B 323 20.58 7.89 -14.71
CA PRO B 323 19.13 7.69 -14.86
C PRO B 323 18.75 6.21 -15.01
N VAL B 324 19.61 5.45 -15.69
CA VAL B 324 19.39 4.04 -15.99
C VAL B 324 20.44 3.22 -15.27
N ALA B 325 19.99 2.23 -14.49
CA ALA B 325 20.90 1.37 -13.73
C ALA B 325 21.25 0.06 -14.44
N TYR B 326 20.48 -0.28 -15.48
CA TYR B 326 20.67 -1.57 -16.15
C TYR B 326 20.24 -1.50 -17.61
N THR B 327 21.06 -2.06 -18.49
CA THR B 327 20.76 -2.11 -19.91
C THR B 327 21.03 -3.49 -20.49
N LEU B 328 20.37 -3.77 -21.61
CA LEU B 328 20.67 -4.94 -22.43
C LEU B 328 20.64 -4.53 -23.88
N ASP B 329 21.41 -5.24 -24.71
CA ASP B 329 21.39 -5.08 -26.16
C ASP B 329 19.99 -5.48 -26.63
N ASP B 330 19.30 -4.58 -27.33
CA ASP B 330 17.96 -4.87 -27.86
C ASP B 330 17.95 -5.01 -29.39
N THR B 331 19.14 -5.18 -29.98
CA THR B 331 19.30 -5.37 -31.43
C THR B 331 18.56 -6.64 -31.89
N LYS B 332 17.96 -6.57 -33.07
CA LYS B 332 17.23 -7.68 -33.67
C LYS B 332 18.17 -8.83 -33.98
N PRO B 333 17.64 -10.08 -34.01
CA PRO B 333 18.52 -11.22 -34.25
C PRO B 333 19.30 -11.09 -35.56
N GLU B 334 18.71 -10.42 -36.55
CA GLU B 334 19.33 -10.24 -37.86
C GLU B 334 20.54 -9.30 -37.78
N GLY B 335 20.62 -8.53 -36.70
CA GLY B 335 21.75 -7.62 -36.48
C GLY B 335 21.40 -6.18 -36.81
N ASN B 336 20.16 -5.96 -37.24
CA ASN B 336 19.71 -4.62 -37.60
C ASN B 336 18.80 -4.08 -36.51
N TYR B 337 18.33 -2.84 -36.71
CA TYR B 337 17.62 -2.08 -35.68
C TYR B 337 18.42 -2.11 -34.37
N ALA B 338 19.72 -1.85 -34.48
CA ALA B 338 20.59 -1.79 -33.31
C ALA B 338 19.98 -0.90 -32.25
N ALA B 339 20.03 -1.35 -31.01
CA ALA B 339 19.36 -0.65 -29.92
C ALA B 339 19.89 -1.08 -28.56
N ILE B 340 19.79 -0.17 -27.61
CA ILE B 340 20.07 -0.44 -26.21
C ILE B 340 18.76 -0.27 -25.43
N MET B 341 18.37 -1.31 -24.70
CA MET B 341 17.21 -1.23 -23.80
C MET B 341 17.72 -0.84 -22.42
N GLY B 342 17.10 0.17 -21.81
CA GLY B 342 17.47 0.55 -20.44
C GLY B 342 16.23 0.76 -19.57
N PHE B 343 16.37 0.51 -18.27
CA PHE B 343 15.30 0.76 -17.31
C PHE B 343 15.63 1.95 -16.43
N ILE B 344 14.67 2.85 -16.29
CA ILE B 344 14.74 3.90 -15.28
C ILE B 344 13.89 3.38 -14.12
N LEU B 345 14.54 3.10 -12.99
CA LEU B 345 13.93 2.26 -11.94
C LEU B 345 13.45 3.02 -10.72
N ALA B 346 12.29 2.58 -10.20
CA ALA B 346 11.82 2.99 -8.87
C ALA B 346 11.80 4.51 -8.72
N HIS B 347 12.44 5.08 -7.70
CA HIS B 347 12.34 6.54 -7.50
C HIS B 347 12.78 7.39 -8.70
N LYS B 348 13.71 6.86 -9.50
CA LYS B 348 14.15 7.58 -10.70
C LYS B 348 13.06 7.67 -11.76
N ALA B 349 12.18 6.67 -11.81
CA ALA B 349 11.02 6.72 -12.70
C ALA B 349 10.13 7.89 -12.29
N ARG B 350 9.97 8.08 -10.99
CA ARG B 350 9.17 9.19 -10.47
C ARG B 350 9.86 10.52 -10.73
N LYS B 351 11.15 10.58 -10.42
CA LYS B 351 11.94 11.81 -10.57
C LYS B 351 12.02 12.29 -12.02
N LEU B 352 12.30 11.37 -12.94
CA LEU B 352 12.59 11.73 -14.33
C LEU B 352 11.38 11.80 -15.25
N ALA B 353 10.22 11.41 -14.72
CA ALA B 353 8.98 11.41 -15.49
C ALA B 353 8.58 12.84 -15.89
N ARG B 354 8.98 13.80 -15.06
CA ARG B 354 8.72 15.24 -15.28
C ARG B 354 9.35 15.78 -16.56
N LEU B 355 10.48 15.20 -16.96
CA LEU B 355 11.21 15.61 -18.16
C LEU B 355 10.45 15.28 -19.43
N THR B 356 10.86 15.88 -20.54
CA THR B 356 10.31 15.53 -21.84
C THR B 356 10.98 14.27 -22.34
N LYS B 357 10.36 13.63 -23.34
CA LYS B 357 10.92 12.48 -24.02
C LYS B 357 12.32 12.78 -24.58
N GLU B 358 12.45 13.96 -25.18
CA GLU B 358 13.72 14.41 -25.75
C GLU B 358 14.79 14.63 -24.68
N GLU B 359 14.37 15.15 -23.52
CA GLU B 359 15.27 15.34 -22.39
C GLU B 359 15.78 14.02 -21.82
N ARG B 360 14.90 13.04 -21.69
CA ARG B 360 15.31 11.71 -21.25
C ARG B 360 16.26 11.08 -22.27
N LEU B 361 15.95 11.21 -23.56
CA LEU B 361 16.82 10.66 -24.61
C LEU B 361 18.24 11.20 -24.48
N LYS B 362 18.35 12.52 -24.29
CA LYS B 362 19.64 13.17 -24.15
C LYS B 362 20.42 12.63 -22.94
N LYS B 363 19.76 12.53 -21.78
CA LYS B 363 20.39 12.01 -20.57
C LYS B 363 20.87 10.58 -20.74
N LEU B 364 20.07 9.75 -21.41
CA LEU B 364 20.44 8.35 -21.63
C LEU B 364 21.64 8.22 -22.58
N CYS B 365 21.61 8.97 -23.68
CA CYS B 365 22.71 8.95 -24.64
C CYS B 365 24.03 9.40 -24.02
N GLU B 366 23.99 10.45 -23.21
CA GLU B 366 25.18 10.93 -22.52
C GLU B 366 25.71 9.92 -21.50
N LEU B 367 24.79 9.28 -20.78
CA LEU B 367 25.17 8.17 -19.89
C LEU B 367 25.83 7.04 -20.66
N TYR B 368 25.18 6.58 -21.74
CA TYR B 368 25.72 5.48 -22.51
C TYR B 368 27.07 5.80 -23.15
N ALA B 369 27.24 7.04 -23.60
CA ALA B 369 28.53 7.48 -24.15
C ALA B 369 29.64 7.30 -23.12
N LYS B 370 29.36 7.70 -21.89
CA LYS B 370 30.27 7.56 -20.77
C LYS B 370 30.59 6.09 -20.50
N VAL B 371 29.54 5.29 -20.34
CA VAL B 371 29.72 3.93 -19.84
C VAL B 371 30.37 3.04 -20.92
N LEU B 372 29.95 3.25 -22.16
CA LEU B 372 30.51 2.53 -23.30
C LEU B 372 31.81 3.14 -23.83
N GLY B 373 32.15 4.33 -23.35
CA GLY B 373 33.33 5.06 -23.81
C GLY B 373 33.27 5.26 -25.31
N SER B 374 32.11 5.70 -25.80
CA SER B 374 31.89 5.81 -27.24
C SER B 374 31.05 7.03 -27.60
N LEU B 375 31.61 7.90 -28.44
CA LEU B 375 30.87 9.06 -28.94
C LEU B 375 29.70 8.66 -29.84
N GLU B 376 29.74 7.43 -30.36
CA GLU B 376 28.65 6.95 -31.22
C GLU B 376 27.31 6.88 -30.47
N ALA B 377 27.38 6.76 -29.15
CA ALA B 377 26.19 6.73 -28.30
C ALA B 377 25.41 8.05 -28.32
N LEU B 378 26.07 9.13 -28.74
CA LEU B 378 25.46 10.46 -28.79
C LEU B 378 24.69 10.69 -30.08
N GLU B 379 24.63 9.68 -30.94
CA GLU B 379 24.01 9.83 -32.25
C GLU B 379 22.85 8.85 -32.45
N PRO B 380 21.80 8.95 -31.60
CA PRO B 380 20.69 8.00 -31.76
C PRO B 380 19.91 8.28 -33.05
N VAL B 381 19.33 7.24 -33.63
CA VAL B 381 18.52 7.41 -34.84
C VAL B 381 17.02 7.36 -34.54
N HIS B 382 16.68 6.84 -33.37
CA HIS B 382 15.29 6.72 -32.94
C HIS B 382 15.24 6.45 -31.45
N TYR B 383 14.06 6.68 -30.86
CA TYR B 383 13.84 6.47 -29.42
C TYR B 383 12.40 6.06 -29.17
N GLU B 384 12.23 5.03 -28.33
CA GLU B 384 10.89 4.66 -27.84
C GLU B 384 10.96 4.46 -26.33
N GLU B 385 9.90 4.80 -25.63
CA GLU B 385 9.84 4.62 -24.19
C GLU B 385 8.42 4.40 -23.70
N LYS B 386 8.31 3.81 -22.52
CA LYS B 386 7.01 3.70 -21.89
C LYS B 386 7.14 3.79 -20.37
N ASN B 387 6.43 4.75 -19.79
CA ASN B 387 6.34 4.90 -18.34
C ASN B 387 5.11 4.14 -17.84
N TRP B 388 5.34 2.99 -17.22
CA TRP B 388 4.23 2.15 -16.76
C TRP B 388 3.50 2.68 -15.53
N CYS B 389 4.08 3.68 -14.87
CA CYS B 389 3.45 4.31 -13.72
C CYS B 389 2.16 5.05 -14.08
N GLU B 390 2.03 5.42 -15.36
CA GLU B 390 0.88 6.22 -15.77
C GLU B 390 -0.36 5.39 -16.14
N GLU B 391 -0.20 4.06 -16.13
CA GLU B 391 -1.25 3.16 -16.62
C GLU B 391 -2.34 2.86 -15.59
N GLN B 392 -3.54 3.37 -15.84
CA GLN B 392 -4.69 3.12 -14.96
C GLN B 392 -4.98 1.64 -14.77
N TYR B 393 -4.83 0.86 -15.84
CA TYR B 393 -5.21 -0.55 -15.81
C TYR B 393 -4.03 -1.52 -15.61
N SER B 394 -2.87 -0.98 -15.26
CA SER B 394 -1.74 -1.78 -14.79
C SER B 394 -1.39 -1.40 -13.35
N GLY B 395 -1.24 -0.09 -13.11
CA GLY B 395 -0.85 0.43 -11.80
C GLY B 395 0.67 0.57 -11.63
N GLY B 396 1.41 -0.01 -12.57
CA GLY B 396 2.87 0.03 -12.58
C GLY B 396 3.45 -1.21 -13.25
N CYS B 397 4.76 -1.40 -13.10
CA CYS B 397 5.47 -2.59 -13.61
C CYS B 397 6.75 -2.80 -12.80
N TYR B 398 7.30 -4.02 -12.77
CA TYR B 398 6.78 -5.18 -13.51
C TYR B 398 5.60 -5.80 -12.81
N THR B 399 5.58 -5.69 -11.49
CA THR B 399 4.65 -6.50 -10.70
C THR B 399 4.37 -5.90 -9.34
N THR B 400 3.51 -6.58 -8.59
CA THR B 400 3.13 -6.18 -7.25
C THR B 400 4.23 -6.47 -6.25
N TYR B 401 4.54 -5.49 -5.40
CA TYR B 401 5.43 -5.73 -4.27
C TYR B 401 4.68 -5.65 -2.94
N PHE B 402 5.24 -6.30 -1.92
CA PHE B 402 4.62 -6.33 -0.60
C PHE B 402 5.47 -5.51 0.35
N PRO B 403 4.91 -4.41 0.89
CA PRO B 403 5.59 -3.64 1.94
C PRO B 403 5.71 -4.44 3.24
N PRO B 404 6.54 -3.98 4.20
CA PRO B 404 6.74 -4.77 5.42
C PRO B 404 5.43 -5.08 6.15
N GLY B 405 5.31 -6.33 6.59
CA GLY B 405 4.19 -6.78 7.40
C GLY B 405 2.99 -7.34 6.64
N ILE B 406 2.96 -7.13 5.31
CA ILE B 406 1.75 -7.45 4.54
C ILE B 406 1.63 -8.93 4.17
N LEU B 407 2.73 -9.53 3.71
CA LEU B 407 2.71 -10.89 3.22
C LEU B 407 2.26 -11.90 4.28
N THR B 408 2.75 -11.73 5.51
CA THR B 408 2.39 -12.65 6.58
C THR B 408 0.93 -12.46 7.01
N GLN B 409 0.47 -11.21 7.01
CA GLN B 409 -0.88 -10.89 7.46
C GLN B 409 -1.97 -11.17 6.42
N TYR B 410 -1.64 -10.97 5.14
CA TYR B 410 -2.64 -11.00 4.06
C TYR B 410 -2.32 -11.96 2.92
N GLY B 411 -1.09 -12.47 2.89
CA GLY B 411 -0.62 -13.31 1.79
C GLY B 411 -1.49 -14.52 1.49
N ARG B 412 -2.00 -15.14 2.55
CA ARG B 412 -2.87 -16.32 2.45
C ARG B 412 -4.09 -16.13 1.55
N VAL B 413 -4.61 -14.90 1.46
CA VAL B 413 -5.85 -14.74 0.70
C VAL B 413 -5.65 -14.37 -0.77
N LEU B 414 -4.40 -14.21 -1.19
CA LEU B 414 -4.10 -13.77 -2.55
C LEU B 414 -4.83 -14.59 -3.62
N ARG B 415 -4.81 -15.92 -3.51
CA ARG B 415 -5.50 -16.75 -4.50
C ARG B 415 -6.65 -17.58 -3.93
N GLN B 416 -7.11 -17.19 -2.74
CA GLN B 416 -8.26 -17.83 -2.14
C GLN B 416 -9.53 -17.41 -2.88
N PRO B 417 -10.30 -18.39 -3.40
CA PRO B 417 -11.54 -18.06 -4.10
C PRO B 417 -12.52 -17.29 -3.22
N VAL B 418 -13.25 -16.36 -3.82
CA VAL B 418 -14.33 -15.66 -3.15
C VAL B 418 -15.63 -16.13 -3.79
N ASP B 419 -16.28 -17.10 -3.15
CA ASP B 419 -17.48 -17.74 -3.67
C ASP B 419 -17.18 -18.34 -5.05
N ARG B 420 -17.63 -17.69 -6.12
CA ARG B 420 -17.41 -18.19 -7.48
C ARG B 420 -16.38 -17.38 -8.27
N ILE B 421 -15.64 -16.52 -7.57
CA ILE B 421 -14.56 -15.77 -8.19
C ILE B 421 -13.25 -16.48 -7.86
N TYR B 422 -12.50 -16.84 -8.90
CA TYR B 422 -11.18 -17.44 -8.76
C TYR B 422 -10.14 -16.44 -9.23
N PHE B 423 -8.91 -16.57 -8.72
CA PHE B 423 -7.89 -15.54 -8.95
C PHE B 423 -6.69 -16.04 -9.72
N ALA B 424 -6.49 -15.44 -10.88
CA ALA B 424 -5.32 -15.68 -11.70
C ALA B 424 -4.43 -14.43 -11.62
N GLY B 425 -3.66 -14.15 -12.66
CA GLY B 425 -2.72 -13.05 -12.61
C GLY B 425 -1.38 -13.51 -12.09
N THR B 426 -0.30 -12.93 -12.61
CA THR B 426 1.03 -13.44 -12.30
C THR B 426 1.36 -13.38 -10.80
N GLU B 427 0.72 -12.47 -10.09
CA GLU B 427 0.96 -12.29 -8.65
C GLU B 427 0.57 -13.51 -7.84
N THR B 428 -0.30 -14.35 -8.41
CA THR B 428 -0.76 -15.56 -7.73
C THR B 428 0.03 -16.84 -8.07
N ALA B 429 1.03 -16.72 -8.93
CA ALA B 429 1.88 -17.87 -9.30
C ALA B 429 2.82 -18.27 -8.17
N THR B 430 3.37 -19.48 -8.28
CA THR B 430 4.32 -19.98 -7.26
C THR B 430 5.71 -20.18 -7.86
N HIS B 431 5.83 -20.02 -9.17
CA HIS B 431 7.10 -20.11 -9.87
C HIS B 431 7.14 -19.01 -10.93
N TRP B 432 8.15 -18.16 -10.85
CA TRP B 432 8.23 -16.94 -11.69
C TRP B 432 7.00 -16.05 -11.61
N SER B 433 6.41 -15.94 -10.41
CA SER B 433 5.43 -14.90 -10.14
C SER B 433 6.09 -13.56 -10.45
N GLY B 434 5.37 -12.68 -11.14
CA GLY B 434 5.91 -11.40 -11.56
C GLY B 434 6.25 -11.36 -13.04
N TYR B 435 6.27 -12.55 -13.65
CA TYR B 435 6.71 -12.75 -15.02
C TYR B 435 5.58 -13.30 -15.89
N MET B 436 5.81 -13.28 -17.20
CA MET B 436 4.88 -13.90 -18.14
C MET B 436 4.71 -15.38 -17.80
N GLU B 437 5.80 -16.06 -17.43
CA GLU B 437 5.71 -17.46 -16.95
C GLU B 437 4.66 -17.62 -15.83
N GLY B 438 4.76 -16.77 -14.81
CA GLY B 438 3.79 -16.80 -13.71
C GLY B 438 2.38 -16.52 -14.17
N ALA B 439 2.23 -15.61 -15.14
CA ALA B 439 0.91 -15.32 -15.69
C ALA B 439 0.27 -16.60 -16.25
N VAL B 440 1.05 -17.35 -17.03
CA VAL B 440 0.55 -18.61 -17.59
C VAL B 440 0.19 -19.61 -16.50
N GLU B 441 1.09 -19.79 -15.53
CA GLU B 441 0.85 -20.75 -14.44
C GLU B 441 -0.45 -20.44 -13.73
N ALA B 442 -0.64 -19.17 -13.37
CA ALA B 442 -1.80 -18.75 -12.57
C ALA B 442 -3.10 -18.82 -13.36
N GLY B 443 -3.06 -18.44 -14.63
CA GLY B 443 -4.24 -18.48 -15.51
C GLY B 443 -4.74 -19.91 -15.69
N GLU B 444 -3.81 -20.81 -16.00
CA GLU B 444 -4.15 -22.22 -16.18
C GLU B 444 -4.60 -22.89 -14.89
N ARG B 445 -3.95 -22.56 -13.78
CA ARG B 445 -4.36 -23.07 -12.47
C ARG B 445 -5.78 -22.60 -12.09
N ALA B 446 -6.06 -21.30 -12.23
CA ALA B 446 -7.38 -20.74 -11.94
C ALA B 446 -8.44 -21.41 -12.82
N ALA B 447 -8.13 -21.58 -14.12
CA ALA B 447 -9.03 -22.29 -15.04
C ALA B 447 -9.35 -23.70 -14.51
N ARG B 448 -8.31 -24.42 -14.08
CA ARG B 448 -8.48 -25.79 -13.59
C ARG B 448 -9.18 -25.88 -12.24
N GLU B 449 -9.08 -24.82 -11.41
CA GLU B 449 -9.90 -24.75 -10.19
C GLU B 449 -11.39 -24.76 -10.53
N ILE B 450 -11.76 -24.00 -11.57
CA ILE B 450 -13.13 -23.97 -12.06
C ILE B 450 -13.55 -25.32 -12.67
N LEU B 451 -12.66 -25.92 -13.46
CA LEU B 451 -12.95 -27.25 -14.01
C LEU B 451 -13.20 -28.26 -12.89
N HIS B 452 -12.43 -28.18 -11.81
CA HIS B 452 -12.64 -29.03 -10.65
C HIS B 452 -13.97 -28.71 -9.94
N ALA B 453 -14.27 -27.42 -9.76
CA ALA B 453 -15.55 -26.99 -9.19
C ALA B 453 -16.74 -27.50 -9.99
N MET B 454 -16.57 -27.64 -11.31
CA MET B 454 -17.62 -28.18 -12.17
C MET B 454 -17.63 -29.71 -12.22
N GLY B 455 -16.70 -30.33 -11.47
CA GLY B 455 -16.60 -31.79 -11.39
C GLY B 455 -16.02 -32.43 -12.63
N LYS B 456 -15.35 -31.64 -13.47
CA LYS B 456 -14.80 -32.13 -14.75
C LYS B 456 -13.41 -32.73 -14.63
N ILE B 457 -12.67 -32.34 -13.59
CA ILE B 457 -11.36 -32.92 -13.33
C ILE B 457 -11.20 -33.18 -11.82
N PRO B 458 -10.35 -34.15 -11.45
CA PRO B 458 -10.08 -34.39 -10.04
C PRO B 458 -9.20 -33.31 -9.40
N GLU B 459 -9.24 -33.24 -8.07
CA GLU B 459 -8.48 -32.26 -7.30
C GLU B 459 -6.98 -32.25 -7.63
N ASP B 460 -6.40 -33.43 -7.81
CA ASP B 460 -4.96 -33.53 -8.07
C ASP B 460 -4.55 -33.06 -9.46
N GLU B 461 -5.51 -32.59 -10.26
CA GLU B 461 -5.21 -32.06 -11.58
C GLU B 461 -5.25 -30.53 -11.64
N ILE B 462 -5.56 -29.88 -10.51
CA ILE B 462 -5.62 -28.43 -10.44
C ILE B 462 -4.23 -27.82 -10.69
N TRP B 463 -3.24 -28.36 -9.98
CA TRP B 463 -1.85 -27.93 -10.15
C TRP B 463 -1.13 -28.95 -11.00
N GLN B 464 -0.63 -28.51 -12.15
CA GLN B 464 -0.01 -29.41 -13.12
C GLN B 464 1.43 -29.03 -13.40
N SER B 465 2.32 -30.03 -13.37
CA SER B 465 3.72 -29.84 -13.71
C SER B 465 3.88 -29.56 -15.20
N GLU B 466 5.04 -29.01 -15.58
CA GLU B 466 5.30 -28.66 -16.97
C GLU B 466 6.58 -29.34 -17.46
N PRO B 467 6.49 -30.09 -18.58
CA PRO B 467 7.68 -30.68 -19.16
C PRO B 467 8.68 -29.61 -19.58
N GLU B 468 9.97 -29.90 -19.41
CA GLU B 468 11.01 -28.95 -19.77
C GLU B 468 10.99 -28.69 -21.28
N SER B 469 11.14 -27.41 -21.65
CA SER B 469 11.30 -27.01 -23.04
C SER B 469 12.49 -27.74 -23.67
N VAL B 470 12.29 -28.24 -24.89
CA VAL B 470 13.40 -28.86 -25.64
C VAL B 470 14.24 -27.79 -26.32
N ASP B 471 13.63 -26.63 -26.55
CA ASP B 471 14.28 -25.51 -27.24
C ASP B 471 15.14 -24.65 -26.32
N VAL B 472 14.72 -24.54 -25.07
CA VAL B 472 15.42 -23.72 -24.07
C VAL B 472 15.70 -24.57 -22.84
N PRO B 473 16.66 -25.50 -22.93
CA PRO B 473 16.95 -26.37 -21.80
C PRO B 473 17.64 -25.58 -20.68
N ALA B 474 17.39 -26.00 -19.45
CA ALA B 474 17.99 -25.35 -18.29
C ALA B 474 19.25 -26.06 -17.83
N GLN B 475 20.37 -25.34 -17.82
CA GLN B 475 21.58 -25.80 -17.16
C GLN B 475 21.42 -25.58 -15.66
N PRO B 476 21.92 -26.52 -14.84
CA PRO B 476 21.76 -26.34 -13.39
C PRO B 476 22.60 -25.16 -12.87
N ILE B 477 22.16 -24.58 -11.76
CA ILE B 477 22.92 -23.53 -11.10
C ILE B 477 23.93 -24.23 -10.18
N THR B 478 25.21 -23.91 -10.37
CA THR B 478 26.26 -24.53 -9.58
C THR B 478 27.04 -23.48 -8.79
N THR B 479 27.69 -23.94 -7.72
CA THR B 479 28.57 -23.10 -6.91
C THR B 479 29.91 -23.81 -6.78
N THR B 480 30.95 -23.06 -6.43
CA THR B 480 32.26 -23.66 -6.17
C THR B 480 32.45 -23.90 -4.67
N PHE B 481 33.39 -24.76 -4.32
CA PHE B 481 33.71 -25.06 -2.93
C PHE B 481 33.98 -23.78 -2.14
N LEU B 482 34.79 -22.89 -2.72
CA LEU B 482 35.14 -21.63 -2.07
C LEU B 482 33.94 -20.71 -1.89
N GLU B 483 33.09 -20.62 -2.92
CA GLU B 483 31.84 -19.85 -2.81
C GLU B 483 30.98 -20.32 -1.64
N ARG B 484 30.88 -21.65 -1.48
CA ARG B 484 30.09 -22.25 -0.41
C ARG B 484 30.69 -22.03 0.98
N HIS B 485 32.02 -22.06 1.09
CA HIS B 485 32.67 -22.18 2.39
C HIS B 485 33.50 -20.99 2.88
N LEU B 486 33.80 -20.06 1.98
CA LEU B 486 34.48 -18.83 2.39
C LEU B 486 33.65 -18.08 3.43
N PRO B 487 34.32 -17.55 4.47
CA PRO B 487 33.57 -16.89 5.54
C PRO B 487 33.02 -15.52 5.12
N SER B 488 31.99 -15.07 5.82
CA SER B 488 31.54 -13.69 5.69
C SER B 488 32.57 -12.76 6.34
N VAL B 489 32.36 -11.46 6.23
CA VAL B 489 33.23 -10.50 6.91
C VAL B 489 33.23 -10.69 8.45
N PRO B 490 32.03 -10.72 9.10
CA PRO B 490 32.05 -11.01 10.54
C PRO B 490 32.58 -12.41 10.87
N GLY B 491 32.34 -13.37 9.97
CA GLY B 491 32.87 -14.73 10.11
C GLY B 491 34.38 -14.73 10.18
N LEU B 492 35.01 -13.96 9.30
CA LEU B 492 36.47 -13.81 9.31
C LEU B 492 36.95 -13.15 10.60
N LEU B 493 36.20 -12.16 11.08
CA LEU B 493 36.53 -11.45 12.33
C LEU B 493 36.43 -12.35 13.56
N ARG B 494 35.48 -13.29 13.54
CA ARG B 494 35.37 -14.28 14.62
C ARG B 494 36.56 -15.24 14.62
N LEU B 495 36.99 -15.64 13.43
CA LEU B 495 38.21 -16.44 13.27
C LEU B 495 39.47 -15.70 13.74
N ILE B 496 39.50 -14.39 13.54
CA ILE B 496 40.57 -13.55 14.09
C ILE B 496 40.35 -13.33 15.58
PA FAD C . -15.35 9.17 5.62
O1A FAD C . -14.69 7.88 5.32
O2A FAD C . -16.01 9.24 7.01
O5B FAD C . -16.43 9.55 4.48
C5B FAD C . -16.24 9.09 3.17
C4B FAD C . -17.62 8.79 2.60
O4B FAD C . -17.46 8.49 1.23
C3B FAD C . -18.26 7.56 3.25
O3B FAD C . -19.56 7.91 3.68
C2B FAD C . -18.28 6.52 2.15
O2B FAD C . -19.41 5.68 2.22
C1B FAD C . -18.26 7.38 0.90
N9A FAD C . -17.68 6.75 -0.30
C8A FAD C . -16.59 5.95 -0.41
N7A FAD C . -16.44 5.62 -1.73
C5A FAD C . -17.42 6.21 -2.43
C6A FAD C . -17.75 6.24 -3.79
N6A FAD C . -17.03 5.55 -4.69
N1A FAD C . -18.84 6.96 -4.21
C2A FAD C . -19.62 7.67 -3.31
N3A FAD C . -19.29 7.65 -1.96
C4A FAD C . -18.21 6.94 -1.54
N1 FAD C . -11.95 10.52 14.71
C2 FAD C . -12.12 11.41 15.76
O2 FAD C . -12.11 12.62 15.51
N3 FAD C . -12.30 10.95 17.04
C4 FAD C . -12.32 9.58 17.29
O4 FAD C . -12.48 9.17 18.44
C4X FAD C . -12.15 8.67 16.26
N5 FAD C . -12.13 7.30 16.49
C5X FAD C . -12.20 6.41 15.41
C6 FAD C . -12.53 5.08 15.65
C7 FAD C . -12.99 4.26 14.62
C7M FAD C . -13.31 2.82 14.96
C8 FAD C . -13.09 4.78 13.32
C8M FAD C . -13.58 3.96 12.14
C9 FAD C . -12.75 6.12 13.10
C9A FAD C . -12.31 6.94 14.14
N10 FAD C . -11.86 8.25 13.91
C10 FAD C . -11.97 9.15 14.95
C1' FAD C . -11.64 8.75 12.51
C2' FAD C . -12.85 9.51 11.96
O2' FAD C . -14.00 8.68 12.01
C3' FAD C . -12.55 9.96 10.52
O3' FAD C . -11.36 10.74 10.53
C4' FAD C . -13.62 10.83 9.88
O4' FAD C . -14.91 10.33 10.13
C5' FAD C . -13.35 10.81 8.39
O5' FAD C . -14.28 11.64 7.70
P FAD C . -14.18 11.76 6.11
O1P FAD C . -15.34 12.53 5.64
O2P FAD C . -12.83 12.35 5.69
O3P FAD C . -14.20 10.27 5.48
C1 ISN D . -7.33 7.20 21.07
C2 ISN D . -6.30 7.23 22.00
C3 ISN D . -5.07 7.73 21.53
C4 ISN D . -4.90 8.15 20.19
C5 ISN D . -5.94 8.11 19.25
N1 ISN D . -8.31 7.50 18.97
C6 ISN D . -7.15 7.64 19.67
C7 ISN D . -8.73 6.77 21.16
C10 ISN D . -9.26 7.00 19.79
O8 ISN D . -9.34 6.31 22.19
O11 ISN D . -10.46 6.75 19.43
PA FAD E . -1.65 -8.00 -16.91
O1A FAD E . -1.57 -6.76 -16.10
O2A FAD E . -0.65 -8.08 -18.05
O5B FAD E . -3.14 -8.21 -17.46
C5B FAD E . -4.23 -7.66 -16.77
C4B FAD E . -5.25 -7.18 -17.80
O4B FAD E . -6.40 -6.79 -17.09
C3B FAD E . -4.77 -5.95 -18.57
O3B FAD E . -4.94 -6.15 -19.97
C2B FAD E . -5.65 -4.83 -18.06
O2B FAD E . -5.90 -3.84 -19.03
C1B FAD E . -6.90 -5.59 -17.64
N9A FAD E . -7.72 -4.94 -16.61
C8A FAD E . -7.32 -4.23 -15.50
N7A FAD E . -8.43 -3.84 -14.84
C5A FAD E . -9.52 -4.28 -15.50
C6A FAD E . -10.89 -4.18 -15.28
N6A FAD E . -11.37 -3.51 -14.23
N1A FAD E . -11.76 -4.77 -16.17
C2A FAD E . -11.30 -5.46 -17.28
N3A FAD E . -9.95 -5.56 -17.50
C4A FAD E . -9.08 -4.99 -16.62
N1 FAD E . 7.88 -10.35 -17.48
C2 FAD E . 8.67 -11.29 -18.09
O2 FAD E . 8.33 -12.46 -18.06
N3 FAD E . 9.83 -10.89 -18.73
C4 FAD E . 10.19 -9.55 -18.77
O4 FAD E . 11.21 -9.20 -19.35
C4X FAD E . 9.40 -8.60 -18.14
N5 FAD E . 9.74 -7.25 -18.15
C5X FAD E . 8.85 -6.29 -17.72
C6 FAD E . 9.09 -4.95 -18.03
C7 FAD E . 8.06 -4.00 -17.96
C7M FAD E . 8.39 -2.57 -18.30
C8 FAD E . 6.77 -4.41 -17.58
C8M FAD E . 5.61 -3.44 -17.47
C9 FAD E . 6.54 -5.76 -17.27
C9A FAD E . 7.57 -6.71 -17.34
N10 FAD E . 7.41 -8.04 -16.92
C10 FAD E . 8.22 -9.00 -17.50
C1' FAD E . 6.14 -8.45 -16.23
C2' FAD E . 5.12 -9.11 -17.16
O2' FAD E . 4.80 -8.20 -18.21
C3' FAD E . 3.88 -9.46 -16.34
O3' FAD E . 4.25 -10.34 -15.29
C4' FAD E . 2.76 -10.13 -17.11
O4' FAD E . 2.52 -9.44 -18.33
C5' FAD E . 1.51 -10.05 -16.24
O5' FAD E . 0.43 -10.69 -16.90
P FAD E . -1.01 -10.74 -16.22
O1P FAD E . -1.92 -11.37 -17.20
O2P FAD E . -0.93 -11.46 -14.88
O3P FAD E . -1.44 -9.22 -15.89
C1 ISN F . 15.83 -8.00 -15.52
C2 ISN F . 17.07 -8.22 -14.94
C3 ISN F . 17.05 -8.80 -13.67
C4 ISN F . 15.85 -9.13 -13.01
C5 ISN F . 14.60 -8.92 -13.59
N1 ISN F . 13.51 -8.05 -15.62
C6 ISN F . 14.57 -8.35 -14.85
C7 ISN F . 15.43 -7.44 -16.82
C10 ISN F . 13.94 -7.52 -16.79
O8 ISN F . 16.17 -7.00 -17.75
O11 ISN F . 13.16 -7.13 -17.73
#